data_4GMT
#
_entry.id   4GMT
#
_cell.length_a   106.840
_cell.length_b   106.840
_cell.length_c   185.520
_cell.angle_alpha   90.00
_cell.angle_beta   90.00
_cell.angle_gamma   120.00
#
_symmetry.space_group_name_H-M   'P 32 1 2'
#
loop_
_entity.id
_entity.type
_entity.pdbx_description
1 polymer 'Fab S139/1 light chain'
2 polymer 'Fab S139/1 heavy chain'
3 branched 2-acetamido-2-deoxy-beta-D-glucopyranose-(1-4)-2-acetamido-2-deoxy-beta-D-glucopyranose
4 non-polymer 'SULFATE ION'
5 non-polymer 2-acetamido-2-deoxy-beta-D-glucopyranose
6 water water
#
loop_
_entity_poly.entity_id
_entity_poly.type
_entity_poly.pdbx_seq_one_letter_code
_entity_poly.pdbx_strand_id
1 'polypeptide(L)'
;DIVMTQSQKFMSTSVGDRVSVTCKASQNVDTNVAWYQEKPGQSPKTLIYSASNRYSGVPDRFTGSASGTDFTLTITNVQS
EDLAEYFCQQYNSYPYTFGGGTKLEIKRADAAPTVSIFPPSSEQLTSGGASVVCFLNNFYPKDINVKWKIDGSERQNGVL
NSWTDQDSKDSTYSMSSTLTLTKDEYERHNSYTCEATHKTSTSPIVKSFNRNEC
;
L,M
2 'polypeptide(L)'
;(PCA)VQLQQSGTELKKPGASVKISCKATGYTFSSYWIEWIKQRPGHGLEWIGEILPEIGMTNYNENFKGKATFTANTSS
NTVYMQLSSLTSEDSAVYYCARPYDYSWFAYWGQGTLVTVSAAKTTAPSVYPLAPVCGDTTGSSVTLGCLVKGYFPEPVT
LTWNSGSLSSGVHTFPAVLQSDLYTLSSSVTVTSSTWPSQSITCNVAHPASSTKVDKKIEPRGHHHHHH
;
H,I
#
# COMPACT_ATOMS: atom_id res chain seq x y z
N ASP A 1 11.21 21.63 24.69
CA ASP A 1 12.43 21.75 23.85
C ASP A 1 12.62 23.18 23.32
N ILE A 2 13.88 23.56 23.12
CA ILE A 2 14.19 24.95 22.81
C ILE A 2 13.79 25.28 21.37
N VAL A 3 12.97 26.30 21.23
CA VAL A 3 12.43 26.67 19.94
C VAL A 3 13.24 27.81 19.34
N MET A 4 13.80 27.56 18.17
CA MET A 4 14.55 28.60 17.48
C MET A 4 13.62 29.19 16.41
N THR A 5 13.27 30.46 16.59
CA THR A 5 12.31 31.10 15.69
C THR A 5 12.98 32.09 14.76
N GLN A 6 12.95 31.79 13.48
CA GLN A 6 13.35 32.73 12.45
C GLN A 6 12.11 33.34 11.84
N SER A 7 11.88 34.60 12.16
CA SER A 7 10.65 35.30 11.78
C SER A 7 10.52 35.35 10.27
N GLN A 8 11.61 35.73 9.60
CA GLN A 8 11.58 35.95 8.17
C GLN A 8 11.96 34.66 7.41
N LYS A 9 10.99 34.09 6.71
CA LYS A 9 11.25 32.93 5.88
C LYS A 9 11.86 33.34 4.54
N PHE A 10 11.49 34.54 4.06
CA PHE A 10 12.07 35.09 2.83
C PHE A 10 12.69 36.46 3.12
N MET A 11 13.81 36.76 2.50
CA MET A 11 14.41 38.10 2.62
C MET A 11 14.88 38.64 1.28
N SER A 12 14.40 39.85 0.99
CA SER A 12 14.61 40.48 -0.30
C SER A 12 15.78 41.46 -0.22
N THR A 13 16.87 41.09 -0.89
CA THR A 13 18.11 41.85 -0.81
C THR A 13 18.58 42.19 -2.24
N SER A 14 19.78 42.74 -2.36
CA SER A 14 20.41 42.93 -3.68
C SER A 14 21.94 43.00 -3.52
N VAL A 15 22.68 42.81 -4.62
CA VAL A 15 24.15 42.70 -4.51
C VAL A 15 24.80 43.98 -4.00
N GLY A 16 25.79 43.83 -3.12
CA GLY A 16 26.54 44.96 -2.60
C GLY A 16 25.82 45.67 -1.46
N ASP A 17 24.98 44.92 -0.76
CA ASP A 17 24.18 45.45 0.34
C ASP A 17 24.38 44.60 1.57
N ARG A 18 23.99 45.10 2.73
CA ARG A 18 24.03 44.29 3.95
C ARG A 18 22.65 43.71 4.25
N VAL A 19 22.60 42.44 4.63
CA VAL A 19 21.36 41.79 5.00
C VAL A 19 21.55 41.15 6.37
N SER A 20 20.55 41.31 7.23
CA SER A 20 20.57 40.77 8.60
C SER A 20 19.47 39.73 8.84
N VAL A 21 19.90 38.49 9.07
CA VAL A 21 19.02 37.37 9.37
C VAL A 21 18.82 37.23 10.90
N THR A 22 17.55 37.12 11.29
CA THR A 22 17.14 37.22 12.69
C THR A 22 16.71 35.90 13.26
N CYS A 23 17.23 35.54 14.43
CA CYS A 23 16.79 34.35 15.12
C CYS A 23 16.67 34.57 16.63
N LYS A 24 15.57 34.11 17.24
CA LYS A 24 15.40 34.23 18.69
C LYS A 24 15.20 32.86 19.34
N ALA A 25 15.85 32.66 20.48
CA ALA A 25 15.72 31.41 21.25
C ALA A 25 14.64 31.58 22.32
N SER A 26 13.85 30.54 22.56
CA SER A 26 12.71 30.60 23.48
C SER A 26 13.14 30.54 24.96
N GLN A 27 14.42 30.25 25.19
CA GLN A 27 15.00 30.17 26.53
C GLN A 27 16.44 30.67 26.42
N ASN A 28 17.19 30.66 27.51
CA ASN A 28 18.59 31.07 27.40
C ASN A 28 19.48 29.95 26.86
N VAL A 29 20.03 30.20 25.67
CA VAL A 29 21.00 29.30 25.03
C VAL A 29 22.44 29.84 25.19
N ASP A 30 22.60 30.92 25.94
CA ASP A 30 23.89 31.56 26.06
C ASP A 30 24.35 31.96 24.66
N THR A 31 25.65 31.77 24.40
CA THR A 31 26.25 31.94 23.08
C THR A 31 26.35 30.62 22.33
N ASN A 32 25.74 29.53 22.81
CA ASN A 32 25.88 28.28 22.07
C ASN A 32 24.78 28.23 21.01
N VAL A 33 25.16 28.75 19.86
CA VAL A 33 24.27 28.90 18.73
C VAL A 33 25.19 28.88 17.52
N ALA A 34 24.76 28.20 16.46
CA ALA A 34 25.54 28.17 15.22
C ALA A 34 24.65 28.52 14.04
N TRP A 35 25.28 28.93 12.94
CA TRP A 35 24.59 29.32 11.72
C TRP A 35 25.14 28.52 10.54
N TYR A 36 24.20 27.93 9.79
CA TYR A 36 24.50 27.15 8.59
C TYR A 36 23.83 27.74 7.36
N GLN A 37 24.47 27.55 6.21
CA GLN A 37 23.95 27.95 4.90
C GLN A 37 23.63 26.69 4.08
N GLU A 38 22.54 26.71 3.33
CA GLU A 38 22.23 25.59 2.44
C GLU A 38 21.68 26.13 1.13
N LYS A 39 22.21 25.61 0.01
CA LYS A 39 21.75 26.02 -1.31
C LYS A 39 21.03 24.85 -1.97
N PRO A 40 20.11 25.13 -2.90
CA PRO A 40 19.29 24.03 -3.42
C PRO A 40 20.12 22.85 -3.91
N GLY A 41 19.76 21.66 -3.42
CA GLY A 41 20.42 20.41 -3.77
C GLY A 41 21.87 20.26 -3.32
N GLN A 42 22.20 20.72 -2.11
CA GLN A 42 23.58 20.67 -1.60
C GLN A 42 23.58 20.56 -0.08
N SER A 43 24.61 19.89 0.46
CA SER A 43 24.75 19.71 1.90
C SER A 43 24.91 21.06 2.61
N PRO A 44 24.47 21.13 3.89
CA PRO A 44 24.63 22.40 4.61
C PRO A 44 26.11 22.71 4.84
N LYS A 45 26.42 23.98 5.12
CA LYS A 45 27.80 24.39 5.38
C LYS A 45 27.83 25.30 6.59
N THR A 46 28.84 25.10 7.46
CA THR A 46 28.97 25.86 8.71
C THR A 46 29.54 27.26 8.45
N LEU A 47 28.83 28.24 8.99
CA LEU A 47 29.21 29.64 8.87
C LEU A 47 29.71 30.08 10.22
N ILE A 48 28.81 30.03 11.20
CA ILE A 48 29.07 30.65 12.49
C ILE A 48 28.83 29.70 13.66
N TYR A 49 29.57 29.90 14.74
CA TYR A 49 29.41 29.08 15.94
C TYR A 49 29.71 29.92 17.17
N SER A 50 29.23 29.47 18.32
CA SER A 50 29.28 30.24 19.56
C SER A 50 28.86 31.69 19.25
N ALA A 51 27.96 31.76 18.27
CA ALA A 51 27.20 32.94 17.84
C ALA A 51 27.97 34.05 17.11
N SER A 52 29.25 34.28 17.45
CA SER A 52 30.06 35.27 16.75
C SER A 52 31.27 34.78 15.97
N ASN A 53 31.59 33.49 16.06
CA ASN A 53 32.87 32.97 15.53
C ASN A 53 32.75 32.34 14.16
N ARG A 54 33.53 32.85 13.22
CA ARG A 54 33.50 32.35 11.84
C ARG A 54 34.31 31.07 11.68
N TYR A 55 33.68 30.06 11.07
CA TYR A 55 34.37 28.80 10.72
C TYR A 55 35.21 28.99 9.46
N SER A 56 36.24 28.16 9.28
CA SER A 56 37.21 28.31 8.19
C SER A 56 36.61 27.99 6.82
N GLY A 57 37.01 28.76 5.81
CA GLY A 57 36.46 28.61 4.47
C GLY A 57 35.18 29.40 4.27
N VAL A 58 35.02 30.48 5.03
CA VAL A 58 33.81 31.31 4.93
C VAL A 58 34.21 32.75 4.63
N PRO A 59 33.47 33.42 3.72
CA PRO A 59 33.74 34.82 3.38
C PRO A 59 33.64 35.80 4.56
N ASP A 60 34.35 36.91 4.44
CA ASP A 60 34.37 38.00 5.42
C ASP A 60 33.05 38.78 5.47
N ARG A 61 32.13 38.43 4.58
CA ARG A 61 30.84 39.09 4.52
C ARG A 61 29.89 38.54 5.59
N PHE A 62 30.21 37.37 6.11
CA PHE A 62 29.38 36.74 7.14
C PHE A 62 29.91 37.03 8.53
N THR A 63 29.04 37.53 9.40
CA THR A 63 29.41 37.71 10.81
C THR A 63 28.22 37.37 11.73
N GLY A 64 28.48 36.71 12.84
CA GLY A 64 27.46 36.50 13.85
C GLY A 64 27.48 37.46 15.04
N SER A 65 26.31 37.69 15.62
CA SER A 65 26.20 38.46 16.86
C SER A 65 25.04 37.95 17.70
N ALA A 66 25.10 38.26 18.99
CA ALA A 66 24.05 37.88 19.92
C ALA A 66 23.82 38.99 20.93
N SER A 67 22.56 39.19 21.29
CA SER A 67 22.21 39.95 22.49
C SER A 67 21.14 39.16 23.21
N GLY A 68 21.44 38.69 24.43
CA GLY A 68 20.48 37.86 25.15
C GLY A 68 20.06 36.66 24.32
N THR A 69 18.76 36.53 24.08
CA THR A 69 18.20 35.42 23.32
C THR A 69 18.09 35.72 21.82
N ASP A 70 18.58 36.90 21.43
CA ASP A 70 18.47 37.39 20.06
C ASP A 70 19.79 37.22 19.31
N PHE A 71 19.76 36.45 18.23
CA PHE A 71 20.94 36.13 17.41
C PHE A 71 20.80 36.66 16.00
N THR A 72 21.84 37.36 15.55
CA THR A 72 21.86 37.96 14.23
C THR A 72 22.97 37.36 13.38
N LEU A 73 22.60 36.92 12.17
CA LEU A 73 23.59 36.64 11.13
C LEU A 73 23.62 37.82 10.17
N THR A 74 24.80 38.34 9.91
CA THR A 74 24.95 39.54 9.10
C THR A 74 25.82 39.26 7.90
N ILE A 75 25.33 39.69 6.74
CA ILE A 75 26.04 39.57 5.48
C ILE A 75 26.18 40.94 4.84
N THR A 76 27.41 41.39 4.63
CA THR A 76 27.67 42.71 4.04
C THR A 76 28.16 42.48 2.62
N ASN A 77 28.00 43.48 1.77
CA ASN A 77 28.40 43.36 0.37
C ASN A 77 27.87 42.04 -0.21
N VAL A 78 26.58 41.81 0.03
CA VAL A 78 25.91 40.57 -0.31
C VAL A 78 26.15 40.20 -1.79
N GLN A 79 26.44 38.94 -2.05
CA GLN A 79 26.79 38.48 -3.40
C GLN A 79 25.86 37.37 -3.88
N SER A 80 25.87 37.11 -5.18
CA SER A 80 24.97 36.10 -5.77
C SER A 80 25.14 34.70 -5.15
N GLU A 81 26.37 34.32 -4.85
CA GLU A 81 26.65 33.01 -4.25
C GLU A 81 26.20 32.93 -2.78
N ASP A 82 25.79 34.07 -2.22
CA ASP A 82 25.24 34.11 -0.87
C ASP A 82 23.75 33.78 -0.87
N LEU A 83 23.13 33.75 -2.04
CA LEU A 83 21.71 33.46 -2.12
C LEU A 83 21.54 31.99 -1.75
N ALA A 84 20.75 31.78 -0.70
CA ALA A 84 20.69 30.46 -0.07
C ALA A 84 19.76 30.56 1.13
N GLU A 85 19.52 29.42 1.78
CA GLU A 85 18.71 29.41 2.99
C GLU A 85 19.63 29.31 4.17
N TYR A 86 19.31 30.08 5.21
CA TYR A 86 20.13 30.19 6.40
C TYR A 86 19.40 29.67 7.62
N PHE A 87 20.06 28.75 8.32
CA PHE A 87 19.50 28.14 9.51
C PHE A 87 20.36 28.48 10.73
N CYS A 88 19.70 28.77 11.85
CA CYS A 88 20.38 28.86 13.13
C CYS A 88 20.07 27.57 13.89
N GLN A 89 21.01 27.21 14.76
CA GLN A 89 20.89 26.02 15.58
C GLN A 89 21.31 26.42 17.00
N GLN A 90 20.59 25.91 18.00
CA GLN A 90 21.10 25.93 19.38
C GLN A 90 21.73 24.57 19.74
N TYR A 91 22.96 24.60 20.26
CA TYR A 91 23.54 23.44 20.97
C TYR A 91 23.56 23.52 22.51
N ASN A 92 22.84 24.48 23.11
CA ASN A 92 22.84 24.65 24.56
C ASN A 92 22.32 23.47 25.37
N SER A 93 21.13 22.98 25.02
CA SER A 93 20.57 21.78 25.65
C SER A 93 20.01 20.80 24.59
N TYR A 94 20.00 19.52 24.92
CA TYR A 94 19.45 18.50 24.02
C TYR A 94 17.93 18.43 24.14
N PRO A 95 17.23 18.18 23.01
CA PRO A 95 17.74 17.95 21.65
C PRO A 95 18.17 19.24 20.94
N TYR A 96 19.19 19.19 20.08
CA TYR A 96 19.56 20.35 19.25
C TYR A 96 18.35 20.75 18.40
N THR A 97 18.12 22.05 18.28
CA THR A 97 17.01 22.55 17.47
C THR A 97 17.48 23.63 16.49
N PHE A 98 16.80 23.71 15.35
CA PHE A 98 17.16 24.61 14.28
C PHE A 98 16.03 25.63 14.10
N GLY A 99 16.37 26.82 13.64
CA GLY A 99 15.35 27.76 13.25
C GLY A 99 14.63 27.26 12.01
N GLY A 100 13.58 27.97 11.58
CA GLY A 100 12.80 27.58 10.42
C GLY A 100 13.53 27.70 9.08
N GLY A 101 14.60 28.50 9.07
CA GLY A 101 15.33 28.78 7.85
C GLY A 101 14.87 30.09 7.23
N THR A 102 15.79 30.78 6.56
CA THR A 102 15.51 32.05 5.87
C THR A 102 16.10 31.95 4.47
N LYS A 103 15.31 32.30 3.44
CA LYS A 103 15.76 32.25 2.05
C LYS A 103 16.03 33.66 1.50
N LEU A 104 17.24 33.87 1.01
CA LEU A 104 17.60 35.15 0.44
C LEU A 104 17.19 35.17 -1.01
N GLU A 105 16.68 36.31 -1.47
CA GLU A 105 16.38 36.47 -2.87
C GLU A 105 16.80 37.88 -3.29
N ILE A 106 16.93 38.11 -4.60
CA ILE A 106 17.30 39.43 -5.10
C ILE A 106 16.06 40.20 -5.49
N LYS A 107 15.88 41.37 -4.87
CA LYS A 107 14.74 42.22 -5.17
C LYS A 107 14.87 42.81 -6.55
N ARG A 108 13.72 43.09 -7.16
CA ARG A 108 13.69 43.72 -8.46
C ARG A 108 12.37 44.42 -8.64
N ALA A 109 12.21 45.07 -9.78
CA ALA A 109 10.95 45.70 -10.12
C ALA A 109 9.89 44.62 -10.30
N ASP A 110 8.66 44.97 -10.02
CA ASP A 110 7.57 44.01 -10.16
C ASP A 110 7.25 43.78 -11.65
N ALA A 111 6.65 42.62 -11.92
CA ALA A 111 6.15 42.32 -13.25
C ALA A 111 4.85 41.54 -13.14
N ALA A 112 3.88 41.86 -13.99
CA ALA A 112 2.67 41.05 -14.07
C ALA A 112 3.03 39.75 -14.81
N PRO A 113 2.39 38.62 -14.43
CA PRO A 113 2.74 37.35 -15.05
C PRO A 113 2.31 37.26 -16.52
N THR A 114 3.10 36.59 -17.36
CA THR A 114 2.69 36.33 -18.74
C THR A 114 1.95 34.99 -18.74
N VAL A 115 0.65 35.05 -18.97
CA VAL A 115 -0.23 33.90 -18.73
C VAL A 115 -0.74 33.23 -20.01
N SER A 116 -0.53 31.92 -20.09
CA SER A 116 -0.93 31.13 -21.26
C SER A 116 -1.79 29.93 -20.86
N ILE A 117 -2.86 29.70 -21.62
CA ILE A 117 -3.75 28.56 -21.37
C ILE A 117 -3.68 27.54 -22.51
N PHE A 118 -3.43 26.29 -22.14
CA PHE A 118 -3.29 25.18 -23.07
C PHE A 118 -4.36 24.11 -22.83
N PRO A 119 -5.19 23.86 -23.85
CA PRO A 119 -6.15 22.75 -23.81
C PRO A 119 -5.42 21.40 -23.88
N PRO A 120 -6.08 20.30 -23.45
CA PRO A 120 -5.53 18.94 -23.53
C PRO A 120 -5.03 18.58 -24.91
N SER A 121 -3.86 17.95 -25.00
CA SER A 121 -3.37 17.51 -26.30
C SER A 121 -4.37 16.52 -26.89
N SER A 122 -4.41 16.42 -28.20
CA SER A 122 -5.18 15.35 -28.84
C SER A 122 -4.61 13.99 -28.42
N GLU A 123 -3.29 13.92 -28.22
CA GLU A 123 -2.61 12.70 -27.75
C GLU A 123 -3.21 12.22 -26.44
N GLN A 124 -3.30 13.15 -25.49
CA GLN A 124 -3.86 12.87 -24.19
C GLN A 124 -5.33 12.52 -24.25
N LEU A 125 -6.09 13.29 -25.02
CA LEU A 125 -7.53 13.03 -25.21
C LEU A 125 -7.76 11.68 -25.88
N THR A 126 -6.85 11.31 -26.78
CA THR A 126 -6.94 10.02 -27.46
C THR A 126 -6.55 8.88 -26.52
N SER A 127 -5.65 9.12 -25.55
CA SER A 127 -5.39 8.12 -24.50
C SER A 127 -6.48 8.01 -23.41
N GLY A 128 -7.44 8.94 -23.36
CA GLY A 128 -8.53 8.90 -22.38
C GLY A 128 -8.58 9.94 -21.26
N GLY A 129 -7.53 10.76 -21.09
CA GLY A 129 -7.49 11.73 -20.01
C GLY A 129 -7.69 13.19 -20.44
N ALA A 130 -7.89 14.09 -19.46
CA ALA A 130 -7.82 15.53 -19.77
C ALA A 130 -7.02 16.38 -18.75
N SER A 131 -6.07 17.18 -19.25
CA SER A 131 -5.30 18.12 -18.42
C SER A 131 -5.30 19.49 -19.10
N VAL A 132 -5.71 20.53 -18.37
CA VAL A 132 -5.65 21.92 -18.88
C VAL A 132 -4.52 22.69 -18.19
N VAL A 133 -3.59 23.17 -18.99
CA VAL A 133 -2.36 23.75 -18.46
C VAL A 133 -2.34 25.29 -18.53
N CYS A 134 -2.16 25.92 -17.37
CA CYS A 134 -1.99 27.39 -17.31
C CYS A 134 -0.58 27.76 -16.84
N PHE A 135 0.13 28.49 -17.70
CA PHE A 135 1.48 28.96 -17.37
C PHE A 135 1.44 30.43 -17.02
N LEU A 136 2.06 30.80 -15.90
CA LEU A 136 2.23 32.20 -15.51
C LEU A 136 3.74 32.45 -15.45
N ASN A 137 4.26 33.23 -16.39
CA ASN A 137 5.71 33.34 -16.54
C ASN A 137 6.31 34.71 -16.23
N ASN A 138 7.56 34.67 -15.77
CA ASN A 138 8.38 35.86 -15.54
C ASN A 138 7.63 36.98 -14.81
N PHE A 139 7.24 36.72 -13.58
CA PHE A 139 6.53 37.72 -12.79
C PHE A 139 7.33 38.06 -11.52
N TYR A 140 6.79 38.96 -10.70
CA TYR A 140 7.49 39.39 -9.49
C TYR A 140 6.67 40.38 -8.67
N PRO A 141 6.68 40.22 -7.33
CA PRO A 141 7.37 39.19 -6.53
C PRO A 141 6.73 37.79 -6.60
N LYS A 142 7.45 36.78 -6.10
CA LYS A 142 7.06 35.37 -6.22
C LYS A 142 5.61 35.04 -5.84
N ASP A 143 5.06 35.74 -4.86
CA ASP A 143 3.72 35.44 -4.39
C ASP A 143 2.69 35.71 -5.48
N ILE A 144 1.87 34.70 -5.76
CA ILE A 144 0.83 34.78 -6.78
C ILE A 144 -0.25 33.73 -6.48
N ASN A 145 -1.46 33.95 -7.00
CA ASN A 145 -2.53 32.96 -6.82
C ASN A 145 -3.31 32.66 -8.11
N VAL A 146 -3.74 31.41 -8.29
CA VAL A 146 -4.44 30.95 -9.51
C VAL A 146 -5.80 30.33 -9.22
N LYS A 147 -6.81 30.76 -9.98
CA LYS A 147 -8.18 30.22 -9.91
C LYS A 147 -8.55 29.56 -11.25
N TRP A 148 -9.25 28.43 -11.18
CA TRP A 148 -9.79 27.79 -12.37
C TRP A 148 -11.33 27.87 -12.35
N LYS A 149 -11.90 28.40 -13.43
CA LYS A 149 -13.37 28.47 -13.60
C LYS A 149 -13.85 27.69 -14.85
N ILE A 150 -14.76 26.75 -14.60
CA ILE A 150 -15.38 25.95 -15.65
C ILE A 150 -16.75 26.52 -15.93
N ASP A 151 -16.89 27.16 -17.10
CA ASP A 151 -18.15 27.82 -17.47
C ASP A 151 -18.55 28.85 -16.41
N GLY A 152 -17.55 29.44 -15.75
CA GLY A 152 -17.79 30.38 -14.68
C GLY A 152 -17.78 29.75 -13.31
N SER A 153 -17.98 28.44 -13.23
CA SER A 153 -18.06 27.73 -11.96
C SER A 153 -16.67 27.37 -11.46
N GLU A 154 -16.27 27.93 -10.32
CA GLU A 154 -14.92 27.69 -9.81
C GLU A 154 -14.70 26.21 -9.52
N ARG A 155 -13.48 25.77 -9.77
CA ARG A 155 -13.08 24.41 -9.47
C ARG A 155 -11.73 24.46 -8.76
N GLN A 156 -11.71 24.05 -7.49
CA GLN A 156 -10.44 23.88 -6.77
C GLN A 156 -10.01 22.41 -6.79
N ASN A 157 -10.85 21.57 -7.36
CA ASN A 157 -10.65 20.13 -7.27
C ASN A 157 -9.79 19.60 -8.43
N GLY A 158 -8.63 19.07 -8.08
CA GLY A 158 -7.76 18.43 -9.06
C GLY A 158 -6.76 19.33 -9.76
N VAL A 159 -6.37 20.42 -9.08
CA VAL A 159 -5.37 21.37 -9.59
C VAL A 159 -3.96 21.03 -9.10
N LEU A 160 -2.99 21.08 -10.01
CA LEU A 160 -1.60 20.77 -9.68
C LEU A 160 -0.67 21.97 -9.94
N ASN A 161 -0.14 22.55 -8.86
CA ASN A 161 0.68 23.76 -8.96
C ASN A 161 2.18 23.53 -8.76
N SER A 162 2.97 24.24 -9.55
CA SER A 162 4.42 24.13 -9.47
C SER A 162 5.09 25.50 -9.65
N TRP A 163 6.13 25.78 -8.85
CA TRP A 163 6.85 27.06 -8.94
C TRP A 163 8.34 26.87 -9.16
N THR A 164 8.86 27.71 -10.04
CA THR A 164 10.29 27.82 -10.24
C THR A 164 10.86 28.57 -9.07
N ASP A 165 12.13 28.30 -8.79
CA ASP A 165 12.87 29.17 -7.91
C ASP A 165 13.05 30.48 -8.62
N GLN A 166 13.41 31.52 -7.87
CA GLN A 166 13.67 32.82 -8.46
C GLN A 166 14.66 32.67 -9.61
N ASP A 167 14.43 33.41 -10.69
CA ASP A 167 15.18 33.26 -11.93
C ASP A 167 16.57 33.92 -11.80
N SER A 168 17.62 33.12 -11.94
CA SER A 168 18.97 33.57 -11.60
C SER A 168 19.45 34.66 -12.55
N LYS A 169 18.92 34.66 -13.76
CA LYS A 169 19.32 35.62 -14.77
C LYS A 169 18.50 36.93 -14.69
N ASP A 170 17.18 36.84 -14.82
CA ASP A 170 16.31 38.02 -14.73
C ASP A 170 15.69 38.28 -13.33
N SER A 171 15.89 37.36 -12.39
CA SER A 171 15.41 37.50 -11.01
C SER A 171 13.87 37.54 -10.81
N THR A 172 13.11 36.96 -11.74
CA THR A 172 11.65 36.82 -11.61
C THR A 172 11.24 35.40 -11.27
N TYR A 173 9.93 35.20 -11.09
CA TYR A 173 9.36 33.89 -10.78
C TYR A 173 8.40 33.45 -11.85
N SER A 174 8.12 32.17 -11.85
CA SER A 174 7.19 31.61 -12.82
C SER A 174 6.58 30.37 -12.18
N MET A 175 5.32 30.08 -12.50
CA MET A 175 4.69 28.87 -12.00
C MET A 175 3.78 28.21 -13.05
N SER A 176 3.35 26.98 -12.78
CA SER A 176 2.48 26.24 -13.67
C SER A 176 1.34 25.58 -12.90
N SER A 177 0.12 25.69 -13.44
CA SER A 177 -1.03 25.04 -12.84
C SER A 177 -1.73 24.11 -13.84
N THR A 178 -1.80 22.84 -13.48
CA THR A 178 -2.43 21.87 -14.35
C THR A 178 -3.74 21.43 -13.72
N LEU A 179 -4.85 21.84 -14.35
CA LEU A 179 -6.15 21.36 -13.92
C LEU A 179 -6.34 19.99 -14.55
N THR A 180 -6.43 18.95 -13.73
CA THR A 180 -6.58 17.61 -14.27
C THR A 180 -7.99 17.13 -14.05
N LEU A 181 -8.47 16.33 -15.00
CA LEU A 181 -9.75 15.65 -14.85
C LEU A 181 -9.99 14.54 -15.88
N THR A 182 -11.14 13.89 -15.72
CA THR A 182 -11.55 12.78 -16.57
C THR A 182 -12.14 13.34 -17.86
N LYS A 183 -11.84 12.69 -18.97
CA LYS A 183 -12.27 13.16 -20.28
C LYS A 183 -13.80 13.35 -20.36
N ASP A 184 -14.56 12.50 -19.66
CA ASP A 184 -16.01 12.65 -19.64
C ASP A 184 -16.41 14.05 -19.14
N GLU A 185 -16.14 14.33 -17.87
CA GLU A 185 -16.56 15.60 -17.27
C GLU A 185 -15.93 16.81 -17.99
N TYR A 186 -14.85 16.55 -18.73
CA TYR A 186 -14.22 17.57 -19.56
C TYR A 186 -15.05 17.90 -20.78
N GLU A 187 -15.40 16.85 -21.53
CA GLU A 187 -16.21 17.01 -22.72
C GLU A 187 -17.68 17.32 -22.36
N ARG A 188 -18.03 17.13 -21.09
CA ARG A 188 -19.29 17.66 -20.55
C ARG A 188 -19.38 19.20 -20.71
N HIS A 189 -18.37 19.94 -20.24
CA HIS A 189 -18.47 21.40 -20.19
C HIS A 189 -17.78 22.16 -21.35
N ASN A 190 -17.92 23.48 -21.35
CA ASN A 190 -17.63 24.29 -22.53
C ASN A 190 -16.52 25.34 -22.37
N SER A 191 -16.70 26.30 -21.46
CA SER A 191 -15.68 27.32 -21.16
C SER A 191 -14.69 26.83 -20.12
N TYR A 192 -13.40 27.04 -20.40
CA TYR A 192 -12.33 26.75 -19.42
C TYR A 192 -11.43 27.97 -19.28
N THR A 193 -11.47 28.57 -18.09
CA THR A 193 -10.73 29.82 -17.84
C THR A 193 -9.90 29.75 -16.56
N CYS A 194 -8.67 30.25 -16.61
CA CYS A 194 -7.87 30.37 -15.39
C CYS A 194 -7.51 31.84 -15.12
N GLU A 195 -7.82 32.30 -13.90
CA GLU A 195 -7.57 33.68 -13.48
C GLU A 195 -6.35 33.75 -12.56
N ALA A 196 -5.59 34.83 -12.66
CA ALA A 196 -4.38 35.00 -11.86
C ALA A 196 -4.40 36.27 -11.03
N THR A 197 -4.37 36.12 -9.71
CA THR A 197 -4.31 37.27 -8.82
C THR A 197 -2.86 37.46 -8.41
N HIS A 198 -2.29 38.60 -8.81
CA HIS A 198 -0.92 38.96 -8.46
C HIS A 198 -0.81 40.44 -8.11
N LYS A 199 0.25 40.78 -7.38
CA LYS A 199 0.46 42.14 -6.86
C LYS A 199 0.36 43.26 -7.90
N THR A 200 0.86 43.01 -9.12
CA THR A 200 1.02 44.07 -10.12
C THR A 200 -0.27 44.49 -10.85
N SER A 201 -1.37 43.76 -10.62
CA SER A 201 -2.60 44.01 -11.36
C SER A 201 -3.76 44.38 -10.43
N THR A 202 -4.60 45.31 -10.88
CA THR A 202 -5.80 45.67 -10.13
C THR A 202 -6.87 44.61 -10.34
N SER A 203 -7.08 44.27 -11.61
CA SER A 203 -8.08 43.27 -12.01
C SER A 203 -7.39 41.96 -12.37
N PRO A 204 -7.84 40.84 -11.77
CA PRO A 204 -7.20 39.54 -12.03
C PRO A 204 -7.04 39.26 -13.52
N ILE A 205 -5.84 38.84 -13.93
CA ILE A 205 -5.58 38.52 -15.33
C ILE A 205 -6.15 37.12 -15.60
N VAL A 206 -6.92 36.99 -16.68
CA VAL A 206 -7.72 35.77 -16.92
C VAL A 206 -7.59 35.23 -18.36
N LYS A 207 -7.11 34.00 -18.50
CA LYS A 207 -6.98 33.41 -19.84
C LYS A 207 -7.90 32.21 -19.98
N SER A 208 -8.59 32.14 -21.12
CA SER A 208 -9.69 31.18 -21.29
C SER A 208 -9.77 30.62 -22.69
N PHE A 209 -10.55 29.55 -22.83
CA PHE A 209 -10.94 29.09 -24.16
C PHE A 209 -12.25 28.33 -24.05
N ASN A 210 -12.96 28.21 -25.16
CA ASN A 210 -14.13 27.36 -25.24
C ASN A 210 -13.79 26.16 -26.11
N ARG A 211 -14.38 25.02 -25.78
CA ARG A 211 -13.88 23.72 -26.25
C ARG A 211 -13.69 23.59 -27.79
N ASN A 212 -14.77 23.56 -28.55
CA ASN A 212 -14.64 23.31 -30.00
C ASN A 212 -14.42 24.57 -30.85
N GLU A 213 -13.56 24.43 -31.85
CA GLU A 213 -13.14 25.54 -32.72
C GLU A 213 -12.80 25.04 -34.11
N VAL B 2 39.24 15.38 7.11
CA VAL B 2 38.02 14.71 7.55
C VAL B 2 36.98 14.69 6.43
N GLN B 3 36.46 13.50 6.13
CA GLN B 3 35.49 13.35 5.05
C GLN B 3 34.42 12.33 5.45
N LEU B 4 33.16 12.73 5.34
CA LEU B 4 32.03 11.84 5.64
C LEU B 4 31.35 11.43 4.33
N GLN B 5 31.32 10.12 4.07
CA GLN B 5 30.82 9.57 2.82
C GLN B 5 29.55 8.75 3.01
N GLN B 6 28.41 9.29 2.61
CA GLN B 6 27.12 8.60 2.76
C GLN B 6 26.77 7.63 1.64
N SER B 7 25.94 6.64 1.96
CA SER B 7 25.42 5.72 0.96
C SER B 7 24.40 6.41 0.02
N GLY B 8 23.85 5.65 -0.93
CA GLY B 8 23.12 6.21 -2.06
C GLY B 8 21.61 6.26 -1.89
N THR B 9 20.95 6.89 -2.86
CA THR B 9 19.50 7.11 -2.84
C THR B 9 18.69 5.85 -2.58
N GLU B 10 17.65 5.97 -1.74
CA GLU B 10 16.81 4.84 -1.41
C GLU B 10 15.37 5.12 -1.76
N LEU B 11 14.71 4.07 -2.23
CA LEU B 11 13.28 4.07 -2.49
C LEU B 11 12.72 2.82 -1.82
N LYS B 12 11.75 2.98 -0.93
CA LYS B 12 11.26 1.89 -0.10
C LYS B 12 9.75 1.82 -0.08
N LYS B 13 9.20 0.65 0.22
CA LYS B 13 7.77 0.51 0.46
C LYS B 13 7.38 1.21 1.77
N PRO B 14 6.15 1.74 1.85
CA PRO B 14 5.63 2.09 3.18
C PRO B 14 5.56 0.84 4.04
N GLY B 15 5.97 0.95 5.31
CA GLY B 15 5.98 -0.18 6.22
C GLY B 15 7.32 -0.90 6.29
N ALA B 16 8.16 -0.70 5.28
CA ALA B 16 9.49 -1.31 5.25
C ALA B 16 10.43 -0.54 6.16
N SER B 17 11.70 -0.94 6.15
CA SER B 17 12.73 -0.24 6.89
C SER B 17 13.92 0.00 5.97
N VAL B 18 14.69 1.06 6.23
CA VAL B 18 15.87 1.33 5.44
C VAL B 18 17.06 1.50 6.36
N LYS B 19 18.26 1.25 5.85
CA LYS B 19 19.50 1.46 6.62
C LYS B 19 20.52 2.31 5.85
N ILE B 20 20.76 3.52 6.35
CA ILE B 20 21.67 4.50 5.76
C ILE B 20 23.07 4.31 6.35
N SER B 21 24.10 4.49 5.53
CA SER B 21 25.48 4.41 6.01
C SER B 21 26.22 5.75 5.87
N CYS B 22 27.19 5.98 6.76
CA CYS B 22 28.12 7.09 6.62
C CYS B 22 29.54 6.66 7.00
N LYS B 23 30.47 6.70 6.04
CA LYS B 23 31.85 6.33 6.32
C LYS B 23 32.66 7.57 6.66
N ALA B 24 33.22 7.61 7.86
CA ALA B 24 34.00 8.76 8.32
C ALA B 24 35.50 8.52 8.17
N THR B 25 36.15 9.34 7.35
CA THR B 25 37.56 9.13 7.02
C THR B 25 38.41 10.38 7.19
N GLY B 26 39.64 10.20 7.68
CA GLY B 26 40.57 11.31 7.86
C GLY B 26 40.87 11.69 9.30
N TYR B 27 40.14 11.09 10.25
CA TYR B 27 40.36 11.39 11.67
C TYR B 27 40.29 10.11 12.50
N THR B 28 40.32 10.23 13.84
CA THR B 28 40.18 9.04 14.69
C THR B 28 38.69 8.86 14.87
N PHE B 29 38.16 7.86 14.18
CA PHE B 29 36.73 7.74 13.95
C PHE B 29 35.94 7.62 15.25
N SER B 30 36.54 6.95 16.24
CA SER B 30 35.84 6.53 17.43
C SER B 30 35.66 7.61 18.49
N SER B 31 36.56 8.61 18.48
CA SER B 31 36.55 9.68 19.47
C SER B 31 35.38 10.67 19.32
N TYR B 32 34.76 10.68 18.15
CA TYR B 32 33.81 11.75 17.81
C TYR B 32 32.40 11.23 17.61
N TRP B 33 31.47 11.95 18.22
CA TRP B 33 30.05 11.73 17.99
C TRP B 33 29.76 11.92 16.51
N ILE B 34 28.85 11.11 15.99
CA ILE B 34 28.29 11.37 14.67
C ILE B 34 26.80 11.71 14.82
N GLU B 35 26.39 12.76 14.11
CA GLU B 35 25.04 13.33 14.16
C GLU B 35 24.24 12.95 12.94
N TRP B 36 22.94 12.77 13.14
CA TRP B 36 22.04 12.50 12.05
C TRP B 36 21.00 13.58 11.98
N ILE B 37 20.88 14.17 10.79
CA ILE B 37 19.96 15.28 10.54
C ILE B 37 18.99 14.95 9.38
N LYS B 38 17.70 15.22 9.62
CA LYS B 38 16.65 15.07 8.64
C LYS B 38 16.33 16.41 7.95
N GLN B 39 16.39 16.43 6.61
CA GLN B 39 15.94 17.58 5.83
C GLN B 39 14.73 17.19 4.95
N ARG B 40 13.56 17.66 5.37
CA ARG B 40 12.31 17.52 4.62
C ARG B 40 11.94 18.87 4.04
N PRO B 41 11.62 18.91 2.74
CA PRO B 41 11.11 20.19 2.23
C PRO B 41 9.84 20.61 3.00
N GLY B 42 9.80 21.87 3.41
CA GLY B 42 8.70 22.40 4.18
C GLY B 42 8.90 22.15 5.66
N HIS B 43 9.70 21.13 5.97
CA HIS B 43 10.06 20.80 7.36
C HIS B 43 11.47 21.18 7.84
N GLY B 44 12.21 21.92 7.01
CA GLY B 44 13.47 22.51 7.41
C GLY B 44 14.54 21.51 7.77
N LEU B 45 15.28 21.79 8.85
CA LEU B 45 16.24 20.83 9.39
C LEU B 45 15.79 20.30 10.76
N GLU B 46 15.91 18.99 10.95
CA GLU B 46 15.56 18.37 12.23
C GLU B 46 16.67 17.43 12.69
N TRP B 47 17.11 17.60 13.94
CA TRP B 47 18.17 16.76 14.51
C TRP B 47 17.61 15.39 14.94
N ILE B 48 18.12 14.32 14.34
CA ILE B 48 17.65 12.97 14.67
C ILE B 48 18.25 12.39 15.95
N GLY B 49 19.54 12.61 16.16
CA GLY B 49 20.26 11.98 17.25
C GLY B 49 21.74 11.83 16.90
N GLU B 50 22.50 11.30 17.84
CA GLU B 50 23.93 11.11 17.67
C GLU B 50 24.38 9.73 18.20
N ILE B 51 25.52 9.27 17.70
CA ILE B 51 26.11 8.05 18.22
C ILE B 51 27.62 8.22 18.39
N LEU B 52 28.15 7.70 19.50
CA LEU B 52 29.60 7.68 19.72
C LEU B 52 30.12 6.29 19.40
N PRO B 53 30.72 6.13 18.21
CA PRO B 53 31.14 4.83 17.66
C PRO B 53 32.00 3.99 18.62
N GLU B 54 32.81 4.63 19.44
CA GLU B 54 33.66 3.91 20.37
C GLU B 54 32.91 2.81 21.13
N ILE B 55 31.96 3.18 21.98
CA ILE B 55 31.13 2.16 22.62
C ILE B 55 29.71 1.98 22.02
N GLY B 56 29.37 2.76 20.99
CA GLY B 56 28.08 2.62 20.33
C GLY B 56 26.93 3.18 21.16
N MET B 57 27.29 4.07 22.08
CA MET B 57 26.36 4.75 22.99
C MET B 57 25.51 5.77 22.21
N THR B 58 24.19 5.78 22.42
CA THR B 58 23.34 6.56 21.55
C THR B 58 22.54 7.66 22.27
N ASN B 59 22.30 8.78 21.56
CA ASN B 59 21.40 9.83 22.07
C ASN B 59 20.39 10.25 21.00
N TYR B 60 19.12 9.91 21.22
CA TYR B 60 18.09 10.11 20.21
C TYR B 60 17.23 11.30 20.58
N ASN B 61 16.85 12.09 19.58
CA ASN B 61 15.78 13.06 19.77
C ASN B 61 14.53 12.23 20.15
N GLU B 62 13.88 12.59 21.25
CA GLU B 62 12.76 11.81 21.75
C GLU B 62 11.72 11.60 20.64
N ASN B 63 11.70 12.55 19.69
CA ASN B 63 10.90 12.46 18.46
C ASN B 63 11.07 11.12 17.73
N PHE B 64 12.33 10.73 17.51
CA PHE B 64 12.70 9.62 16.64
C PHE B 64 12.95 8.28 17.35
N LYS B 65 12.79 8.23 18.67
CA LYS B 65 13.04 6.99 19.39
C LYS B 65 12.10 5.88 18.88
N GLY B 66 12.71 4.79 18.41
CA GLY B 66 12.01 3.67 17.82
C GLY B 66 11.91 3.73 16.30
N LYS B 67 11.97 4.95 15.75
CA LYS B 67 12.02 5.16 14.30
C LYS B 67 13.47 5.00 13.82
N ALA B 68 14.40 5.55 14.61
CA ALA B 68 15.81 5.57 14.25
C ALA B 68 16.64 4.71 15.20
N THR B 69 17.57 3.95 14.61
CA THR B 69 18.54 3.18 15.39
C THR B 69 19.96 3.33 14.83
N PHE B 70 20.87 3.85 15.64
CA PHE B 70 22.26 4.07 15.21
C PHE B 70 23.15 2.89 15.59
N THR B 71 23.98 2.46 14.65
CA THR B 71 24.98 1.42 14.93
C THR B 71 26.31 1.86 14.37
N ALA B 72 27.41 1.55 15.04
CA ALA B 72 28.72 1.88 14.49
C ALA B 72 29.55 0.63 14.22
N ASN B 73 30.26 0.64 13.08
CA ASN B 73 31.27 -0.37 12.78
C ASN B 73 32.64 0.29 12.74
N THR B 74 33.45 -0.02 13.74
CA THR B 74 34.70 0.66 13.97
C THR B 74 35.84 0.07 13.14
N SER B 75 35.64 -1.13 12.61
CA SER B 75 36.59 -1.72 11.68
C SER B 75 36.39 -1.14 10.27
N SER B 76 35.15 -0.81 9.92
CA SER B 76 34.84 -0.17 8.63
C SER B 76 34.74 1.36 8.69
N ASN B 77 34.96 1.97 9.86
CA ASN B 77 34.85 3.41 9.93
C ASN B 77 33.50 3.88 9.43
N THR B 78 32.46 3.13 9.76
CA THR B 78 31.16 3.41 9.20
C THR B 78 30.13 3.51 10.32
N VAL B 79 29.17 4.42 10.14
CA VAL B 79 28.06 4.55 11.07
C VAL B 79 26.79 4.32 10.28
N TYR B 80 25.84 3.59 10.86
CA TYR B 80 24.56 3.30 10.22
C TYR B 80 23.41 3.90 11.00
N MET B 81 22.38 4.34 10.26
CA MET B 81 21.09 4.66 10.85
C MET B 81 20.02 3.81 10.20
N GLN B 82 19.33 2.98 11.00
CA GLN B 82 18.16 2.29 10.49
C GLN B 82 16.86 3.02 10.85
N LEU B 83 16.00 3.18 9.85
CA LEU B 83 14.65 3.72 10.00
C LEU B 83 13.67 2.61 9.74
N SER B 84 12.81 2.34 10.72
CA SER B 84 11.91 1.21 10.68
C SER B 84 10.48 1.70 10.41
N SER B 85 9.64 0.83 9.84
CA SER B 85 8.22 1.16 9.64
C SER B 85 8.05 2.43 8.80
N LEU B 86 8.73 2.46 7.66
CA LEU B 86 8.83 3.68 6.85
C LEU B 86 7.47 4.24 6.47
N THR B 87 7.40 5.57 6.36
CA THR B 87 6.19 6.24 5.93
C THR B 87 6.50 7.39 4.95
N SER B 88 5.47 8.17 4.64
CA SER B 88 5.61 9.36 3.81
C SER B 88 6.45 10.44 4.48
N GLU B 89 6.35 10.50 5.81
CA GLU B 89 7.08 11.46 6.64
C GLU B 89 8.59 11.28 6.50
N ASP B 90 9.01 10.03 6.35
CA ASP B 90 10.43 9.69 6.35
C ASP B 90 11.07 9.95 4.99
N SER B 91 10.27 10.30 3.99
CA SER B 91 10.82 10.73 2.72
C SER B 91 11.54 12.06 2.95
N ALA B 92 12.83 12.09 2.65
CA ALA B 92 13.66 13.24 2.99
C ALA B 92 15.12 13.03 2.58
N VAL B 93 15.94 14.07 2.76
CA VAL B 93 17.38 13.90 2.62
C VAL B 93 17.94 13.78 4.02
N TYR B 94 18.78 12.78 4.24
CA TYR B 94 19.36 12.54 5.54
C TYR B 94 20.85 12.82 5.46
N TYR B 95 21.31 13.66 6.38
CA TYR B 95 22.73 14.00 6.49
C TYR B 95 23.31 13.36 7.75
N CYS B 96 24.56 12.96 7.68
CA CYS B 96 25.33 12.73 8.89
C CYS B 96 26.29 13.91 9.02
N ALA B 97 26.62 14.27 10.25
CA ALA B 97 27.56 15.37 10.51
C ALA B 97 28.56 14.97 11.60
N ARG B 98 29.76 15.52 11.53
CA ARG B 98 30.67 15.46 12.65
C ARG B 98 30.86 16.88 13.22
N PRO B 99 30.64 17.06 14.54
CA PRO B 99 31.03 18.32 15.19
C PRO B 99 32.55 18.55 15.15
N TYR B 100 32.94 19.82 15.25
CA TYR B 100 34.34 20.19 15.24
C TYR B 100 35.08 19.48 16.36
N ASP B 101 34.54 19.58 17.59
CA ASP B 101 34.98 18.72 18.67
C ASP B 101 33.81 17.94 19.28
N TYR B 102 33.07 18.56 20.22
CA TYR B 102 31.85 17.95 20.77
C TYR B 102 30.43 18.54 20.52
N SER B 103 30.28 19.72 19.92
CA SER B 103 28.89 20.26 19.78
C SER B 103 28.42 20.68 18.37
N TRP B 104 28.78 21.91 17.97
CA TRP B 104 28.33 22.45 16.68
C TRP B 104 29.03 21.68 15.58
N PHE B 105 28.32 21.44 14.48
CA PHE B 105 28.73 20.52 13.41
C PHE B 105 29.63 21.18 12.36
N ALA B 106 30.88 20.74 12.28
CA ALA B 106 31.87 21.27 11.32
C ALA B 106 31.80 20.59 9.95
N TYR B 107 31.67 19.27 9.97
CA TYR B 107 31.79 18.49 8.73
C TYR B 107 30.49 17.80 8.42
N TRP B 108 30.01 17.95 7.20
CA TRP B 108 28.75 17.29 6.79
C TRP B 108 29.01 16.27 5.69
N GLY B 109 28.10 15.31 5.58
CA GLY B 109 28.08 14.39 4.46
C GLY B 109 27.24 14.99 3.34
N GLN B 110 27.26 14.34 2.17
CA GLN B 110 26.58 14.86 0.99
C GLN B 110 25.05 14.67 1.07
N GLY B 111 24.63 13.78 1.97
CA GLY B 111 23.22 13.50 2.15
C GLY B 111 22.81 12.16 1.54
N THR B 112 21.65 11.66 1.97
CA THR B 112 21.02 10.48 1.37
C THR B 112 19.55 10.78 1.12
N LEU B 113 19.14 10.79 -0.14
CA LEU B 113 17.72 10.86 -0.42
C LEU B 113 17.05 9.51 -0.12
N VAL B 114 16.00 9.55 0.68
CA VAL B 114 15.15 8.38 0.88
C VAL B 114 13.72 8.75 0.51
N THR B 115 13.21 8.06 -0.51
CA THR B 115 11.84 8.23 -0.96
C THR B 115 11.04 7.02 -0.54
N VAL B 116 9.89 7.25 0.07
CA VAL B 116 9.04 6.15 0.52
C VAL B 116 7.70 6.23 -0.20
N SER B 117 7.44 5.27 -1.09
CA SER B 117 6.18 5.22 -1.83
C SER B 117 5.80 3.82 -2.29
N ALA B 118 4.49 3.62 -2.47
CA ALA B 118 3.94 2.38 -3.02
C ALA B 118 4.20 2.26 -4.52
N ALA B 119 4.79 3.30 -5.12
CA ALA B 119 4.95 3.38 -6.57
C ALA B 119 6.02 2.42 -7.12
N LYS B 120 5.78 1.95 -8.33
CA LYS B 120 6.72 1.14 -9.08
C LYS B 120 7.14 1.92 -10.34
N THR B 121 8.29 1.57 -10.90
CA THR B 121 8.83 2.32 -12.05
C THR B 121 7.79 2.41 -13.17
N THR B 122 7.51 3.65 -13.59
CA THR B 122 6.53 3.89 -14.64
C THR B 122 7.11 4.89 -15.63
N ALA B 123 7.04 4.56 -16.91
CA ALA B 123 7.52 5.46 -17.96
C ALA B 123 6.50 6.56 -18.16
N PRO B 124 6.96 7.79 -18.41
CA PRO B 124 6.01 8.90 -18.58
C PRO B 124 5.26 8.87 -19.91
N SER B 125 4.12 9.54 -19.96
CA SER B 125 3.48 9.89 -21.23
C SER B 125 3.87 11.33 -21.52
N VAL B 126 4.20 11.62 -22.77
CA VAL B 126 4.64 12.96 -23.13
C VAL B 126 3.67 13.61 -24.10
N TYR B 127 3.07 14.72 -23.68
CA TYR B 127 2.09 15.41 -24.49
C TYR B 127 2.62 16.76 -24.95
N PRO B 128 2.65 16.97 -26.28
CA PRO B 128 2.96 18.30 -26.81
C PRO B 128 1.79 19.27 -26.60
N LEU B 129 2.10 20.47 -26.11
CA LEU B 129 1.08 21.50 -25.84
C LEU B 129 1.28 22.69 -26.77
N ALA B 130 0.36 22.86 -27.72
CA ALA B 130 0.46 23.93 -28.69
C ALA B 130 -0.65 24.93 -28.42
N PRO B 131 -0.48 26.18 -28.87
CA PRO B 131 -1.40 27.29 -28.58
C PRO B 131 -2.86 27.02 -29.01
N VAL B 132 -3.77 27.79 -28.42
CA VAL B 132 -5.16 27.81 -28.86
C VAL B 132 -5.26 28.47 -30.25
N CYS B 133 -6.10 27.94 -31.14
CA CYS B 133 -6.21 28.49 -32.50
C CYS B 133 -7.44 29.38 -32.66
N SER B 139 3.30 37.90 -32.70
CA SER B 139 4.47 38.63 -32.20
C SER B 139 5.46 37.74 -31.46
N SER B 140 4.99 37.15 -30.37
CA SER B 140 5.78 36.22 -29.58
C SER B 140 4.92 35.03 -29.23
N VAL B 141 5.53 33.84 -29.16
CA VAL B 141 4.78 32.59 -29.05
C VAL B 141 5.36 31.62 -28.02
N THR B 142 4.45 31.02 -27.24
CA THR B 142 4.79 30.18 -26.08
C THR B 142 4.20 28.77 -26.20
N LEU B 143 5.08 27.77 -26.25
CA LEU B 143 4.61 26.39 -26.37
C LEU B 143 4.97 25.61 -25.11
N GLY B 144 4.48 24.38 -25.02
CA GLY B 144 4.78 23.56 -23.86
C GLY B 144 4.87 22.05 -24.09
N CYS B 145 5.34 21.39 -23.04
CA CYS B 145 5.44 19.94 -23.01
C CYS B 145 5.01 19.46 -21.64
N LEU B 146 4.05 18.53 -21.62
CA LEU B 146 3.60 17.90 -20.39
C LEU B 146 4.18 16.47 -20.31
N VAL B 147 4.89 16.16 -19.22
CA VAL B 147 5.32 14.79 -18.93
C VAL B 147 4.53 14.22 -17.75
N LYS B 148 3.66 13.26 -18.02
CA LYS B 148 2.70 12.82 -17.02
C LYS B 148 2.96 11.39 -16.55
N GLY B 149 3.03 11.23 -15.23
CA GLY B 149 2.86 9.93 -14.59
C GLY B 149 4.06 9.00 -14.68
N TYR B 150 5.24 9.54 -14.41
CA TYR B 150 6.41 8.69 -14.32
C TYR B 150 6.86 8.46 -12.89
N PHE B 151 7.84 7.59 -12.79
CA PHE B 151 8.42 7.23 -11.51
C PHE B 151 9.53 6.23 -11.79
N PRO B 152 10.68 6.40 -11.11
CA PRO B 152 10.89 7.50 -10.17
C PRO B 152 11.46 8.75 -10.87
N GLU B 153 11.66 9.82 -10.10
CA GLU B 153 12.45 10.96 -10.59
C GLU B 153 13.89 10.50 -10.88
N PRO B 154 14.62 11.25 -11.73
CA PRO B 154 14.08 12.36 -12.53
C PRO B 154 13.66 11.97 -13.94
N VAL B 155 13.13 12.95 -14.65
CA VAL B 155 13.13 12.95 -16.10
C VAL B 155 13.99 14.15 -16.48
N THR B 156 14.55 14.13 -17.69
CA THR B 156 15.22 15.31 -18.20
C THR B 156 14.58 15.73 -19.53
N LEU B 157 14.32 17.03 -19.65
CA LEU B 157 13.60 17.60 -20.79
C LEU B 157 14.46 18.68 -21.48
N THR B 158 14.62 18.58 -22.80
CA THR B 158 15.21 19.66 -23.58
C THR B 158 14.29 20.13 -24.71
N TRP B 159 14.72 21.17 -25.43
CA TRP B 159 13.99 21.71 -26.58
C TRP B 159 14.90 21.71 -27.78
N ASN B 160 14.54 20.93 -28.80
CA ASN B 160 15.39 20.78 -29.99
C ASN B 160 16.78 20.24 -29.66
N SER B 161 16.82 19.14 -28.90
CA SER B 161 18.07 18.53 -28.46
C SER B 161 18.86 19.47 -27.52
N GLY B 162 18.17 20.41 -26.89
CA GLY B 162 18.77 21.30 -25.93
C GLY B 162 19.30 22.57 -26.55
N SER B 163 19.14 22.70 -27.87
CA SER B 163 19.66 23.85 -28.62
C SER B 163 18.72 25.04 -28.65
N LEU B 164 17.60 24.93 -27.95
CA LEU B 164 16.84 26.12 -27.62
C LEU B 164 16.88 26.24 -26.09
N SER B 165 17.75 27.11 -25.58
CA SER B 165 17.91 27.32 -24.15
C SER B 165 17.25 28.59 -23.63
N SER B 166 16.68 29.39 -24.53
CA SER B 166 16.22 30.71 -24.15
C SER B 166 14.71 30.80 -24.23
N GLY B 167 14.11 31.30 -23.16
CA GLY B 167 12.66 31.39 -23.04
C GLY B 167 12.10 30.10 -22.49
N VAL B 168 12.99 29.22 -22.04
CA VAL B 168 12.57 27.94 -21.49
C VAL B 168 12.32 28.00 -19.99
N HIS B 169 11.20 27.39 -19.61
CA HIS B 169 10.91 27.18 -18.21
C HIS B 169 10.57 25.72 -18.02
N THR B 170 11.42 24.99 -17.30
CA THR B 170 11.07 23.65 -16.87
C THR B 170 10.77 23.71 -15.36
N PHE B 171 9.54 23.34 -15.01
CA PHE B 171 9.07 23.45 -13.65
C PHE B 171 9.32 22.18 -12.85
N PRO B 172 9.60 22.34 -11.55
CA PRO B 172 9.75 21.17 -10.68
C PRO B 172 8.55 20.21 -10.83
N ALA B 173 8.82 18.92 -10.81
CA ALA B 173 7.76 17.92 -10.90
C ALA B 173 6.91 17.99 -9.64
N VAL B 174 5.70 17.46 -9.74
CA VAL B 174 4.82 17.34 -8.58
C VAL B 174 4.19 15.92 -8.59
N LEU B 175 3.81 15.44 -7.40
CA LEU B 175 3.20 14.11 -7.30
C LEU B 175 1.69 14.21 -7.50
N GLN B 176 1.17 13.39 -8.40
CA GLN B 176 -0.27 13.20 -8.52
C GLN B 176 -0.56 11.70 -8.74
N SER B 177 -1.55 11.20 -8.00
CA SER B 177 -1.97 9.79 -8.10
C SER B 177 -0.76 8.84 -8.05
N ASP B 178 0.11 9.05 -7.06
CA ASP B 178 1.32 8.24 -6.81
C ASP B 178 2.55 8.59 -7.67
N LEU B 179 2.37 9.34 -8.75
CA LEU B 179 3.44 9.46 -9.75
C LEU B 179 3.76 10.92 -10.08
N TYR B 180 4.89 11.14 -10.76
CA TYR B 180 5.34 12.51 -11.02
C TYR B 180 4.78 13.08 -12.30
N THR B 181 4.49 14.37 -12.25
CA THR B 181 4.05 15.14 -13.42
C THR B 181 4.89 16.41 -13.54
N LEU B 182 5.49 16.60 -14.71
CA LEU B 182 6.42 17.71 -14.92
C LEU B 182 6.01 18.47 -16.18
N SER B 183 6.11 19.79 -16.18
CA SER B 183 5.84 20.57 -17.38
C SER B 183 7.01 21.46 -17.77
N SER B 184 7.09 21.76 -19.07
CA SER B 184 8.05 22.72 -19.58
C SER B 184 7.38 23.66 -20.58
N SER B 185 7.79 24.92 -20.57
CA SER B 185 7.33 25.89 -21.56
C SER B 185 8.54 26.53 -22.26
N VAL B 186 8.41 26.73 -23.57
CA VAL B 186 9.42 27.40 -24.35
C VAL B 186 8.80 28.63 -25.02
N THR B 187 9.59 29.68 -25.16
CA THR B 187 9.12 30.87 -25.85
C THR B 187 10.06 31.29 -26.97
N VAL B 188 9.44 31.62 -28.10
CA VAL B 188 10.14 32.03 -29.29
C VAL B 188 9.35 33.20 -29.89
N THR B 189 9.93 33.91 -30.86
CA THR B 189 9.21 34.99 -31.53
C THR B 189 8.11 34.41 -32.41
N SER B 190 6.91 34.98 -32.31
CA SER B 190 5.74 34.45 -33.00
C SER B 190 6.06 34.32 -34.48
N SER B 191 7.09 35.04 -34.92
CA SER B 191 7.59 34.91 -36.26
C SER B 191 8.26 33.55 -36.44
N THR B 192 9.11 33.16 -35.49
CA THR B 192 9.92 31.94 -35.59
C THR B 192 9.16 30.59 -35.47
N TRP B 193 7.92 30.62 -34.98
CA TRP B 193 7.08 29.43 -34.94
C TRP B 193 5.63 29.76 -35.31
N PRO B 194 4.96 28.87 -36.08
CA PRO B 194 5.28 27.51 -36.56
C PRO B 194 6.46 27.36 -37.53
N SER B 195 6.98 28.45 -38.07
CA SER B 195 7.94 28.40 -39.17
C SER B 195 9.06 27.36 -38.99
N GLN B 196 9.69 27.37 -37.81
CA GLN B 196 10.75 26.42 -37.50
C GLN B 196 10.20 25.32 -36.59
N SER B 197 10.74 24.12 -36.76
CA SER B 197 10.36 22.99 -35.93
C SER B 197 10.86 23.19 -34.50
N ILE B 198 9.93 23.17 -33.54
CA ILE B 198 10.29 23.10 -32.11
C ILE B 198 9.83 21.76 -31.56
N THR B 199 10.79 21.03 -30.99
CA THR B 199 10.54 19.72 -30.44
C THR B 199 10.93 19.70 -28.98
N CYS B 200 10.19 18.95 -28.18
CA CYS B 200 10.60 18.75 -26.80
C CYS B 200 11.08 17.30 -26.66
N ASN B 201 12.26 17.16 -26.07
CA ASN B 201 12.92 15.86 -25.91
C ASN B 201 12.93 15.42 -24.44
N VAL B 202 12.22 14.34 -24.12
CA VAL B 202 12.14 13.87 -22.72
C VAL B 202 12.79 12.50 -22.51
N ALA B 203 13.61 12.39 -21.48
CA ALA B 203 14.30 11.14 -21.17
C ALA B 203 14.02 10.72 -19.74
N HIS B 204 13.84 9.41 -19.55
CA HIS B 204 13.65 8.82 -18.24
C HIS B 204 14.56 7.59 -18.08
N PRO B 205 15.77 7.79 -17.56
CA PRO B 205 16.75 6.70 -17.56
C PRO B 205 16.23 5.47 -16.80
N ALA B 206 15.39 5.70 -15.80
CA ALA B 206 14.84 4.64 -14.94
C ALA B 206 13.99 3.60 -15.69
N SER B 207 13.18 4.07 -16.63
CA SER B 207 12.40 3.20 -17.51
C SER B 207 13.07 3.01 -18.87
N SER B 208 14.19 3.69 -19.07
CA SER B 208 14.88 3.75 -20.35
C SER B 208 14.02 4.44 -21.43
N THR B 209 13.11 5.30 -20.98
CA THR B 209 12.29 6.10 -21.89
C THR B 209 13.13 7.25 -22.44
N LYS B 210 13.21 7.31 -23.76
CA LYS B 210 13.67 8.50 -24.46
C LYS B 210 12.66 8.77 -25.58
N VAL B 211 11.93 9.87 -25.47
CA VAL B 211 10.86 10.19 -26.40
C VAL B 211 10.98 11.63 -26.89
N ASP B 212 10.64 11.85 -28.16
CA ASP B 212 10.65 13.19 -28.75
C ASP B 212 9.25 13.53 -29.25
N LYS B 213 8.77 14.72 -28.89
CA LYS B 213 7.43 15.12 -29.28
C LYS B 213 7.50 16.50 -29.91
N LYS B 214 7.09 16.55 -31.18
CA LYS B 214 7.07 17.80 -31.95
C LYS B 214 5.79 18.56 -31.63
N ILE B 215 5.94 19.84 -31.32
CA ILE B 215 4.79 20.69 -31.07
C ILE B 215 4.27 21.11 -32.44
N GLU B 216 3.02 20.75 -32.72
CA GLU B 216 2.41 21.06 -34.01
C GLU B 216 1.21 21.98 -33.81
N PRO B 217 0.94 22.88 -34.77
CA PRO B 217 -0.25 23.76 -34.75
C PRO B 217 -1.61 23.01 -34.80
N ARG B 218 -2.57 23.48 -34.01
CA ARG B 218 -3.89 22.88 -33.94
C ARG B 218 -4.75 23.22 -35.16
N ASP C 1 0.44 -25.83 29.28
CA ASP C 1 0.57 -26.23 27.84
C ASP C 1 1.67 -25.45 27.11
N ILE C 2 2.12 -26.00 25.98
CA ILE C 2 3.09 -25.31 25.13
C ILE C 2 2.32 -24.59 24.03
N VAL C 3 2.68 -23.32 23.82
CA VAL C 3 2.07 -22.52 22.76
C VAL C 3 3.09 -22.24 21.66
N MET C 4 2.68 -22.56 20.43
CA MET C 4 3.49 -22.35 19.25
C MET C 4 2.96 -21.12 18.56
N THR C 5 3.84 -20.19 18.19
CA THR C 5 3.38 -18.90 17.65
C THR C 5 3.94 -18.54 16.29
N GLN C 6 3.06 -18.56 15.28
CA GLN C 6 3.39 -18.02 13.98
C GLN C 6 2.66 -16.67 13.90
N SER C 7 3.43 -15.60 14.03
CA SER C 7 2.83 -14.27 14.21
C SER C 7 2.21 -13.76 12.91
N GLN C 8 2.70 -14.25 11.78
CA GLN C 8 2.19 -13.83 10.49
C GLN C 8 1.03 -14.74 10.14
N LYS C 9 -0.17 -14.21 10.08
CA LYS C 9 -1.27 -15.04 9.66
C LYS C 9 -1.29 -15.13 8.14
N PHE C 10 -0.70 -14.12 7.49
CA PHE C 10 -0.50 -14.11 6.03
C PHE C 10 0.85 -13.49 5.66
N MET C 11 1.42 -13.95 4.56
CA MET C 11 2.68 -13.40 4.04
C MET C 11 2.63 -13.20 2.52
N SER C 12 3.10 -12.05 2.04
CA SER C 12 3.12 -11.79 0.60
C SER C 12 4.47 -12.23 0.04
N THR C 13 4.47 -12.82 -1.14
CA THR C 13 5.72 -13.20 -1.79
C THR C 13 5.63 -13.10 -3.32
N SER C 14 6.74 -13.39 -4.01
CA SER C 14 6.77 -13.45 -5.47
C SER C 14 7.48 -14.72 -5.92
N VAL C 15 7.11 -15.26 -7.07
CA VAL C 15 7.75 -16.48 -7.58
C VAL C 15 9.24 -16.25 -7.71
N GLY C 16 10.03 -17.17 -7.19
CA GLY C 16 11.47 -17.03 -7.24
C GLY C 16 12.06 -16.47 -5.96
N ASP C 17 11.20 -15.90 -5.12
CA ASP C 17 11.63 -15.35 -3.83
C ASP C 17 12.07 -16.45 -2.88
N ARG C 18 12.81 -16.05 -1.84
CA ARG C 18 12.92 -16.88 -0.64
C ARG C 18 11.93 -16.38 0.42
N VAL C 19 11.24 -17.31 1.06
CA VAL C 19 10.29 -16.97 2.12
C VAL C 19 10.63 -17.73 3.41
N SER C 20 10.52 -17.03 4.54
CA SER C 20 10.75 -17.62 5.85
C SER C 20 9.53 -17.54 6.74
N VAL C 21 8.99 -18.71 7.06
CA VAL C 21 7.81 -18.83 7.91
C VAL C 21 8.33 -19.17 9.28
N THR C 22 7.90 -18.41 10.29
CA THR C 22 8.48 -18.56 11.63
C THR C 22 7.47 -19.00 12.68
N CYS C 23 7.98 -19.68 13.70
CA CYS C 23 7.20 -20.09 14.85
C CYS C 23 8.03 -19.94 16.10
N LYS C 24 7.42 -19.57 17.23
CA LYS C 24 8.14 -19.64 18.51
C LYS C 24 7.38 -20.52 19.48
N ALA C 25 8.07 -21.49 20.06
CA ALA C 25 7.49 -22.28 21.14
C ALA C 25 7.45 -21.43 22.41
N SER C 26 6.48 -21.70 23.29
CA SER C 26 6.31 -20.95 24.54
C SER C 26 7.33 -21.37 25.61
N GLN C 27 7.82 -22.60 25.50
CA GLN C 27 8.89 -23.09 26.37
C GLN C 27 9.66 -24.10 25.55
N ASN C 28 10.84 -24.49 26.01
CA ASN C 28 11.68 -25.36 25.19
C ASN C 28 10.97 -26.65 24.77
N VAL C 29 10.83 -26.79 23.45
CA VAL C 29 10.32 -27.99 22.79
C VAL C 29 11.49 -28.81 22.24
N ASP C 30 12.71 -28.38 22.55
CA ASP C 30 13.91 -28.96 22.00
C ASP C 30 13.95 -28.69 20.50
N THR C 31 14.34 -29.69 19.72
CA THR C 31 14.13 -29.64 18.27
C THR C 31 12.91 -30.41 17.81
N ASN C 32 12.04 -30.83 18.74
CA ASN C 32 10.96 -31.69 18.29
C ASN C 32 9.81 -30.84 17.81
N VAL C 33 9.87 -30.54 16.51
CA VAL C 33 8.98 -29.61 15.83
C VAL C 33 8.91 -30.08 14.39
N ALA C 34 7.70 -30.02 13.81
CA ALA C 34 7.47 -30.46 12.45
C ALA C 34 6.65 -29.41 11.69
N TRP C 35 6.82 -29.35 10.37
CA TRP C 35 6.02 -28.43 9.52
C TRP C 35 5.18 -29.22 8.52
N TYR C 36 3.93 -28.76 8.40
CA TYR C 36 2.97 -29.29 7.44
C TYR C 36 2.43 -28.17 6.56
N GLN C 37 2.13 -28.53 5.32
CA GLN C 37 1.52 -27.64 4.34
C GLN C 37 0.07 -28.10 4.18
N GLU C 38 -0.85 -27.15 4.13
CA GLU C 38 -2.25 -27.47 3.85
C GLU C 38 -2.77 -26.59 2.71
N LYS C 39 -3.41 -27.24 1.75
CA LYS C 39 -4.08 -26.56 0.66
C LYS C 39 -5.58 -26.79 0.77
N PRO C 40 -6.39 -25.88 0.19
CA PRO C 40 -7.83 -25.96 0.35
C PRO C 40 -8.36 -27.33 -0.03
N GLY C 41 -9.28 -27.86 0.77
CA GLY C 41 -9.91 -29.14 0.50
C GLY C 41 -8.92 -30.28 0.35
N GLN C 42 -7.81 -30.18 1.07
CA GLN C 42 -6.78 -31.21 1.01
C GLN C 42 -6.25 -31.52 2.40
N SER C 43 -5.87 -32.79 2.58
CA SER C 43 -5.22 -33.23 3.79
C SER C 43 -3.92 -32.45 3.95
N PRO C 44 -3.56 -32.12 5.19
CA PRO C 44 -2.24 -31.53 5.41
C PRO C 44 -1.14 -32.48 4.88
N LYS C 45 0.03 -31.93 4.62
CA LYS C 45 1.14 -32.70 4.08
C LYS C 45 2.37 -32.45 4.95
N THR C 46 3.10 -33.50 5.28
CA THR C 46 4.30 -33.34 6.11
C THR C 46 5.44 -32.82 5.24
N LEU C 47 6.09 -31.75 5.72
CA LEU C 47 7.25 -31.16 5.06
C LEU C 47 8.51 -31.50 5.87
N ILE C 48 8.51 -31.07 7.13
CA ILE C 48 9.74 -31.13 7.95
C ILE C 48 9.48 -31.74 9.31
N TYR C 49 10.46 -32.46 9.86
CA TYR C 49 10.40 -32.99 11.25
C TYR C 49 11.80 -32.93 11.90
N SER C 50 11.86 -33.03 13.22
CA SER C 50 13.09 -32.81 13.98
C SER C 50 13.67 -31.45 13.61
N ALA C 51 12.75 -30.60 13.15
CA ALA C 51 12.97 -29.19 12.85
C ALA C 51 13.80 -28.87 11.58
N SER C 52 14.79 -29.68 11.25
CA SER C 52 15.55 -29.50 10.02
C SER C 52 15.45 -30.61 8.99
N ASN C 53 14.86 -31.75 9.38
CA ASN C 53 14.86 -32.92 8.50
C ASN C 53 13.68 -32.86 7.55
N ARG C 54 13.91 -33.18 6.29
CA ARG C 54 12.87 -33.13 5.28
C ARG C 54 12.26 -34.51 5.05
N TYR C 55 10.94 -34.54 4.88
CA TYR C 55 10.20 -35.78 4.68
C TYR C 55 10.29 -36.18 3.19
N SER C 56 9.77 -37.35 2.83
CA SER C 56 9.83 -37.85 1.45
C SER C 56 8.70 -37.25 0.63
N GLY C 57 8.96 -37.02 -0.65
CA GLY C 57 8.00 -36.34 -1.51
C GLY C 57 7.93 -34.83 -1.29
N VAL C 58 9.01 -34.23 -0.78
CA VAL C 58 9.07 -32.79 -0.54
C VAL C 58 10.19 -32.21 -1.40
N PRO C 59 9.97 -31.01 -2.00
CA PRO C 59 11.00 -30.33 -2.81
C PRO C 59 12.17 -29.82 -1.97
N ASP C 60 13.35 -29.66 -2.58
CA ASP C 60 14.52 -29.12 -1.89
C ASP C 60 14.40 -27.60 -1.70
N ARG C 61 13.29 -27.06 -2.19
CA ARG C 61 12.93 -25.68 -1.91
C ARG C 61 12.64 -25.51 -0.41
N PHE C 62 12.16 -26.59 0.22
CA PHE C 62 11.82 -26.55 1.65
C PHE C 62 12.94 -27.05 2.58
N THR C 63 13.35 -26.21 3.51
CA THR C 63 14.28 -26.64 4.55
C THR C 63 13.77 -26.11 5.88
N GLY C 64 14.08 -26.79 6.99
CA GLY C 64 13.78 -26.21 8.28
C GLY C 64 15.01 -25.77 9.05
N SER C 65 14.81 -24.94 10.08
CA SER C 65 15.87 -24.58 11.02
C SER C 65 15.34 -24.24 12.45
N ALA C 66 16.21 -24.39 13.44
CA ALA C 66 15.87 -24.05 14.84
C ALA C 66 16.95 -23.20 15.51
N SER C 67 16.55 -22.22 16.28
CA SER C 67 17.46 -21.58 17.24
C SER C 67 16.73 -21.32 18.54
N GLY C 68 17.13 -21.99 19.61
CA GLY C 68 16.39 -21.90 20.85
C GLY C 68 14.94 -22.28 20.63
N THR C 69 14.03 -21.39 21.01
CA THR C 69 12.58 -21.62 20.93
C THR C 69 12.01 -21.14 19.60
N ASP C 70 12.88 -20.66 18.72
CA ASP C 70 12.43 -20.10 17.45
C ASP C 70 12.73 -21.07 16.29
N PHE C 71 11.72 -21.34 15.48
CA PHE C 71 11.82 -22.30 14.38
C PHE C 71 11.42 -21.65 13.07
N THR C 72 12.11 -22.04 12.00
CA THR C 72 11.88 -21.46 10.68
C THR C 72 11.70 -22.51 9.60
N LEU C 73 10.62 -22.37 8.84
CA LEU C 73 10.46 -23.08 7.59
C LEU C 73 10.93 -22.17 6.47
N THR C 74 11.97 -22.60 5.75
CA THR C 74 12.52 -21.82 4.66
C THR C 74 12.13 -22.41 3.31
N ILE C 75 11.63 -21.54 2.44
CA ILE C 75 11.30 -21.92 1.07
C ILE C 75 12.15 -21.09 0.09
N THR C 76 13.09 -21.75 -0.59
CA THR C 76 13.92 -21.10 -1.62
C THR C 76 13.25 -21.20 -3.00
N ASN C 77 13.34 -20.12 -3.79
CA ASN C 77 12.83 -20.06 -5.15
C ASN C 77 11.32 -20.38 -5.19
N VAL C 78 10.56 -19.69 -4.34
CA VAL C 78 9.13 -19.99 -4.13
C VAL C 78 8.37 -20.07 -5.46
N GLN C 79 7.57 -21.12 -5.61
CA GLN C 79 6.86 -21.40 -6.86
C GLN C 79 5.38 -21.34 -6.60
N SER C 80 4.60 -21.15 -7.66
CA SER C 80 3.13 -21.07 -7.56
C SER C 80 2.51 -22.18 -6.69
N GLU C 81 3.02 -23.40 -6.81
CA GLU C 81 2.41 -24.54 -6.14
C GLU C 81 2.74 -24.59 -4.65
N ASP C 82 3.60 -23.67 -4.19
CA ASP C 82 3.95 -23.53 -2.78
C ASP C 82 2.99 -22.60 -2.00
N LEU C 83 2.04 -21.95 -2.67
CA LEU C 83 1.16 -21.02 -1.97
C LEU C 83 0.15 -21.85 -1.21
N ALA C 84 0.20 -21.76 0.12
CA ALA C 84 -0.49 -22.70 0.99
C ALA C 84 -0.53 -22.17 2.41
N GLU C 85 -1.07 -22.96 3.32
CA GLU C 85 -0.94 -22.61 4.72
C GLU C 85 0.05 -23.55 5.39
N TYR C 86 0.85 -22.99 6.28
CA TYR C 86 1.95 -23.70 6.90
C TYR C 86 1.78 -23.71 8.39
N PHE C 87 1.88 -24.92 8.95
CA PHE C 87 1.73 -25.13 10.39
C PHE C 87 3.00 -25.76 10.94
N CYS C 88 3.48 -25.23 12.06
CA CYS C 88 4.47 -25.90 12.92
C CYS C 88 3.75 -26.69 14.01
N GLN C 89 4.31 -27.82 14.39
CA GLN C 89 3.76 -28.60 15.50
C GLN C 89 4.93 -29.05 16.36
N GLN C 90 4.81 -28.88 17.69
CA GLN C 90 5.75 -29.51 18.62
C GLN C 90 5.18 -30.84 19.13
N TYR C 91 5.96 -31.90 18.98
CA TYR C 91 5.70 -33.19 19.65
C TYR C 91 6.58 -33.50 20.88
N ASN C 92 7.32 -32.52 21.41
CA ASN C 92 8.18 -32.76 22.58
C ASN C 92 7.48 -33.24 23.87
N SER C 93 6.35 -32.64 24.18
CA SER C 93 5.53 -33.13 25.28
C SER C 93 4.06 -33.00 24.93
N TYR C 94 3.24 -33.73 25.66
CA TYR C 94 1.80 -33.73 25.46
C TYR C 94 1.12 -32.62 26.26
N PRO C 95 -0.01 -32.10 25.73
CA PRO C 95 -0.56 -32.53 24.44
C PRO C 95 0.21 -31.92 23.28
N TYR C 96 0.32 -32.63 22.15
CA TYR C 96 0.84 -32.04 20.92
C TYR C 96 0.06 -30.77 20.59
N THR C 97 0.78 -29.72 20.20
CA THR C 97 0.13 -28.45 19.90
C THR C 97 0.64 -27.91 18.56
N PHE C 98 -0.24 -27.21 17.84
CA PHE C 98 0.10 -26.67 16.54
C PHE C 98 0.10 -25.15 16.62
N GLY C 99 0.82 -24.52 15.69
CA GLY C 99 0.75 -23.07 15.51
C GLY C 99 -0.47 -22.63 14.72
N GLY C 100 -0.79 -21.33 14.78
CA GLY C 100 -2.01 -20.81 14.19
C GLY C 100 -2.09 -20.90 12.67
N GLY C 101 -0.94 -20.94 12.02
CA GLY C 101 -0.87 -21.00 10.57
C GLY C 101 -0.48 -19.67 9.97
N THR C 102 0.15 -19.77 8.80
CA THR C 102 0.61 -18.63 8.03
C THR C 102 0.23 -18.94 6.60
N LYS C 103 -0.58 -18.08 5.99
CA LYS C 103 -0.98 -18.30 4.60
C LYS C 103 -0.11 -17.46 3.65
N LEU C 104 0.42 -18.12 2.62
CA LEU C 104 1.33 -17.52 1.66
C LEU C 104 0.56 -17.06 0.41
N GLU C 105 0.66 -15.77 0.08
CA GLU C 105 -0.02 -15.24 -1.11
C GLU C 105 0.97 -14.60 -2.10
N ILE C 106 0.55 -14.49 -3.35
CA ILE C 106 1.41 -13.97 -4.40
C ILE C 106 1.15 -12.46 -4.64
N LYS C 107 2.22 -11.69 -4.86
CA LYS C 107 2.10 -10.24 -5.11
C LYS C 107 1.78 -9.93 -6.59
N ARG C 108 1.00 -8.88 -6.80
CA ARG C 108 0.74 -8.35 -8.13
C ARG C 108 0.58 -6.84 -8.01
N ALA C 109 0.28 -6.17 -9.13
CA ALA C 109 0.05 -4.74 -9.11
C ALA C 109 -1.26 -4.41 -8.40
N ASP C 110 -1.28 -3.28 -7.68
CA ASP C 110 -2.51 -2.87 -7.04
C ASP C 110 -3.60 -2.75 -8.10
N ALA C 111 -4.82 -3.12 -7.74
CA ALA C 111 -5.94 -3.00 -8.64
C ALA C 111 -7.17 -2.50 -7.89
N ALA C 112 -7.73 -1.40 -8.35
CA ALA C 112 -8.98 -0.91 -7.77
C ALA C 112 -10.04 -1.94 -8.13
N PRO C 113 -11.04 -2.11 -7.25
CA PRO C 113 -12.12 -3.07 -7.51
C PRO C 113 -13.12 -2.59 -8.57
N THR C 114 -13.57 -3.50 -9.42
CA THR C 114 -14.68 -3.21 -10.29
C THR C 114 -15.95 -3.45 -9.47
N VAL C 115 -16.75 -2.39 -9.29
CA VAL C 115 -17.89 -2.43 -8.37
C VAL C 115 -19.31 -2.42 -9.02
N SER C 116 -20.12 -3.43 -8.71
CA SER C 116 -21.45 -3.58 -9.30
C SER C 116 -22.53 -3.59 -8.23
N ILE C 117 -23.56 -2.76 -8.38
CA ILE C 117 -24.69 -2.74 -7.46
C ILE C 117 -25.90 -3.30 -8.17
N PHE C 118 -26.67 -4.12 -7.46
CA PHE C 118 -27.93 -4.62 -7.98
C PHE C 118 -29.05 -4.49 -6.94
N PRO C 119 -30.23 -4.00 -7.38
CA PRO C 119 -31.45 -3.95 -6.57
C PRO C 119 -32.09 -5.34 -6.47
N PRO C 120 -33.04 -5.50 -5.54
CA PRO C 120 -33.80 -6.76 -5.44
C PRO C 120 -34.29 -7.19 -6.80
N SER C 121 -34.10 -8.46 -7.10
CA SER C 121 -34.71 -9.08 -8.26
C SER C 121 -36.20 -8.97 -8.01
N SER C 122 -36.98 -8.65 -9.03
CA SER C 122 -38.41 -8.44 -8.84
C SER C 122 -39.06 -9.75 -8.40
N GLU C 123 -38.42 -10.88 -8.67
CA GLU C 123 -38.90 -12.19 -8.21
C GLU C 123 -38.77 -12.31 -6.70
N GLN C 124 -37.65 -11.78 -6.20
CA GLN C 124 -37.42 -11.68 -4.77
C GLN C 124 -38.46 -10.79 -4.13
N LEU C 125 -38.60 -9.59 -4.70
CA LEU C 125 -39.59 -8.63 -4.25
C LEU C 125 -41.02 -9.20 -4.34
N THR C 126 -41.28 -10.00 -5.36
CA THR C 126 -42.59 -10.62 -5.52
C THR C 126 -42.72 -11.84 -4.58
N SER C 127 -41.58 -12.41 -4.18
CA SER C 127 -41.58 -13.41 -3.11
C SER C 127 -41.85 -12.75 -1.75
N GLY C 128 -41.68 -11.44 -1.66
CA GLY C 128 -41.95 -10.71 -0.42
C GLY C 128 -40.75 -10.19 0.36
N GLY C 129 -39.52 -10.56 -0.04
CA GLY C 129 -38.32 -10.05 0.61
C GLY C 129 -37.55 -9.04 -0.23
N ALA C 130 -36.54 -8.36 0.35
CA ALA C 130 -35.62 -7.58 -0.48
C ALA C 130 -34.13 -7.76 -0.11
N SER C 131 -33.29 -8.02 -1.10
CA SER C 131 -31.84 -8.06 -0.90
C SER C 131 -31.14 -7.15 -1.91
N VAL C 132 -30.35 -6.21 -1.42
CA VAL C 132 -29.50 -5.43 -2.32
C VAL C 132 -28.10 -6.05 -2.33
N VAL C 133 -27.54 -6.23 -3.52
CA VAL C 133 -26.24 -6.91 -3.61
C VAL C 133 -25.20 -6.07 -4.32
N CYS C 134 -23.96 -6.13 -3.81
CA CYS C 134 -22.81 -5.44 -4.41
C CYS C 134 -21.65 -6.43 -4.66
N PHE C 135 -21.05 -6.35 -5.86
CA PHE C 135 -19.85 -7.15 -6.20
C PHE C 135 -18.67 -6.24 -6.37
N LEU C 136 -17.64 -6.44 -5.54
CA LEU C 136 -16.35 -5.76 -5.72
C LEU C 136 -15.38 -6.79 -6.25
N ASN C 137 -15.06 -6.68 -7.53
CA ASN C 137 -14.33 -7.75 -8.18
C ASN C 137 -12.92 -7.34 -8.64
N ASN C 138 -12.00 -8.29 -8.51
CA ASN C 138 -10.62 -8.16 -8.99
C ASN C 138 -9.83 -6.97 -8.44
N PHE C 139 -9.79 -6.85 -7.12
CA PHE C 139 -8.90 -5.87 -6.49
C PHE C 139 -7.70 -6.56 -5.88
N TYR C 140 -6.81 -5.72 -5.38
CA TYR C 140 -5.57 -6.13 -4.76
C TYR C 140 -4.93 -4.81 -4.30
N PRO C 141 -4.42 -4.76 -3.06
CA PRO C 141 -4.34 -5.91 -2.15
C PRO C 141 -5.71 -6.37 -1.59
N LYS C 142 -5.64 -7.40 -0.74
CA LYS C 142 -6.80 -8.11 -0.23
C LYS C 142 -7.69 -7.24 0.66
N ASP C 143 -7.10 -6.24 1.29
CA ASP C 143 -7.78 -5.47 2.33
C ASP C 143 -8.72 -4.42 1.74
N ILE C 144 -10.01 -4.57 2.05
CA ILE C 144 -11.04 -3.67 1.54
C ILE C 144 -12.13 -3.44 2.58
N ASN C 145 -12.77 -2.28 2.49
CA ASN C 145 -13.92 -1.99 3.32
C ASN C 145 -15.14 -1.66 2.47
N VAL C 146 -16.30 -2.22 2.81
CA VAL C 146 -17.56 -1.80 2.16
C VAL C 146 -18.55 -1.20 3.16
N LYS C 147 -19.11 -0.05 2.81
CA LYS C 147 -20.17 0.57 3.62
C LYS C 147 -21.47 0.69 2.83
N TRP C 148 -22.60 0.53 3.52
CA TRP C 148 -23.91 0.69 2.91
C TRP C 148 -24.58 2.00 3.36
N LYS C 149 -25.26 2.66 2.42
CA LYS C 149 -25.99 3.91 2.69
C LYS C 149 -27.41 3.89 2.08
N ILE C 150 -28.41 4.01 2.94
CA ILE C 150 -29.79 4.05 2.47
C ILE C 150 -30.34 5.48 2.54
N ASP C 151 -30.54 6.09 1.37
CA ASP C 151 -31.01 7.48 1.27
C ASP C 151 -30.03 8.43 1.97
N GLY C 152 -28.77 8.01 2.08
CA GLY C 152 -27.74 8.81 2.71
C GLY C 152 -27.31 8.31 4.08
N SER C 153 -28.08 7.40 4.65
CA SER C 153 -27.84 6.93 6.02
C SER C 153 -27.12 5.58 6.06
N GLU C 154 -26.13 5.44 6.95
CA GLU C 154 -25.38 4.19 7.09
C GLU C 154 -26.19 3.12 7.84
N ARG C 155 -26.26 1.93 7.24
CA ARG C 155 -26.90 0.79 7.87
C ARG C 155 -25.90 -0.36 7.90
N GLN C 156 -25.46 -0.74 9.10
CA GLN C 156 -24.50 -1.83 9.26
C GLN C 156 -25.16 -3.18 9.55
N ASN C 157 -26.46 -3.16 9.84
CA ASN C 157 -27.16 -4.35 10.32
C ASN C 157 -27.70 -5.24 9.20
N GLY C 158 -27.64 -6.55 9.41
CA GLY C 158 -28.14 -7.49 8.42
C GLY C 158 -27.36 -7.46 7.11
N VAL C 159 -26.08 -7.08 7.18
CA VAL C 159 -25.22 -7.11 6.00
C VAL C 159 -24.35 -8.36 6.03
N LEU C 160 -24.44 -9.16 4.97
CA LEU C 160 -23.75 -10.45 4.90
C LEU C 160 -22.63 -10.37 3.86
N ASN C 161 -21.44 -10.88 4.21
CA ASN C 161 -20.24 -10.67 3.39
C ASN C 161 -19.43 -11.93 3.05
N SER C 162 -18.99 -12.01 1.79
CA SER C 162 -18.23 -13.16 1.32
C SER C 162 -17.03 -12.76 0.46
N TRP C 163 -15.86 -13.35 0.74
CA TRP C 163 -14.61 -13.01 0.08
C TRP C 163 -13.97 -14.25 -0.56
N THR C 164 -13.71 -14.19 -1.85
CA THR C 164 -12.95 -15.25 -2.52
C THR C 164 -11.49 -15.18 -2.09
N ASP C 165 -10.79 -16.31 -2.23
CA ASP C 165 -9.36 -16.34 -1.96
C ASP C 165 -8.64 -15.79 -3.17
N GLN C 166 -7.32 -15.69 -3.09
CA GLN C 166 -6.59 -15.09 -4.20
C GLN C 166 -6.79 -15.90 -5.49
N ASP C 167 -7.01 -15.19 -6.59
CA ASP C 167 -7.15 -15.79 -7.93
C ASP C 167 -5.87 -16.49 -8.43
N SER C 168 -6.00 -17.74 -8.89
CA SER C 168 -4.88 -18.54 -9.40
C SER C 168 -4.34 -18.07 -10.75
N LYS C 169 -5.04 -17.16 -11.41
CA LYS C 169 -4.64 -16.66 -12.73
C LYS C 169 -4.08 -15.21 -12.71
N ASP C 170 -4.88 -14.24 -12.26
CA ASP C 170 -4.41 -12.85 -12.14
C ASP C 170 -4.03 -12.37 -10.73
N SER C 171 -4.11 -13.23 -9.71
CA SER C 171 -3.73 -12.89 -8.33
C SER C 171 -4.61 -11.81 -7.65
N THR C 172 -5.84 -11.62 -8.14
CA THR C 172 -6.76 -10.64 -7.55
C THR C 172 -7.73 -11.25 -6.51
N TYR C 173 -8.50 -10.36 -5.87
CA TYR C 173 -9.49 -10.78 -4.88
C TYR C 173 -10.83 -10.20 -5.28
N SER C 174 -11.90 -10.90 -4.94
CA SER C 174 -13.23 -10.37 -5.17
C SER C 174 -14.05 -10.53 -3.90
N MET C 175 -15.05 -9.69 -3.72
CA MET C 175 -15.94 -9.84 -2.58
C MET C 175 -17.39 -9.56 -2.96
N SER C 176 -18.28 -10.10 -2.13
CA SER C 176 -19.71 -9.99 -2.36
C SER C 176 -20.27 -9.47 -1.07
N SER C 177 -21.13 -8.47 -1.17
CA SER C 177 -21.74 -7.87 0.01
C SER C 177 -23.25 -7.79 -0.21
N THR C 178 -24.01 -8.32 0.73
CA THR C 178 -25.46 -8.40 0.59
C THR C 178 -26.16 -7.70 1.73
N LEU C 179 -26.91 -6.63 1.42
CA LEU C 179 -27.77 -6.02 2.42
C LEU C 179 -29.16 -6.62 2.30
N THR C 180 -29.52 -7.40 3.31
CA THR C 180 -30.79 -8.08 3.31
C THR C 180 -31.73 -7.28 4.21
N LEU C 181 -32.92 -6.96 3.67
CA LEU C 181 -33.94 -6.28 4.46
C LEU C 181 -35.39 -6.62 4.08
N THR C 182 -36.28 -6.06 4.90
CA THR C 182 -37.72 -6.27 4.75
C THR C 182 -38.17 -5.51 3.51
N LYS C 183 -39.07 -6.14 2.75
CA LYS C 183 -39.62 -5.49 1.56
C LYS C 183 -40.21 -4.14 1.96
N ASP C 184 -40.91 -4.12 3.08
CA ASP C 184 -41.49 -2.88 3.62
C ASP C 184 -40.46 -1.78 3.73
N GLU C 185 -39.30 -2.09 4.34
CA GLU C 185 -38.25 -1.11 4.51
C GLU C 185 -37.52 -0.80 3.21
N TYR C 186 -37.47 -1.78 2.30
CA TYR C 186 -36.90 -1.53 0.96
C TYR C 186 -37.71 -0.43 0.30
N GLU C 187 -39.03 -0.57 0.32
CA GLU C 187 -39.89 0.44 -0.29
C GLU C 187 -40.14 1.66 0.60
N ARG C 188 -39.91 1.54 1.91
CA ARG C 188 -39.95 2.70 2.80
C ARG C 188 -38.98 3.78 2.29
N HIS C 189 -37.91 3.35 1.62
CA HIS C 189 -36.85 4.27 1.21
C HIS C 189 -36.53 4.18 -0.29
N ASN C 190 -35.58 5.00 -0.72
CA ASN C 190 -35.33 5.19 -2.14
C ASN C 190 -33.86 4.97 -2.55
N SER C 191 -32.95 5.81 -2.07
CA SER C 191 -31.54 5.72 -2.48
C SER C 191 -30.80 4.59 -1.78
N TYR C 192 -30.12 3.77 -2.58
CA TYR C 192 -29.33 2.64 -2.06
C TYR C 192 -27.91 2.74 -2.60
N THR C 193 -26.95 2.81 -1.67
CA THR C 193 -25.53 3.03 -2.00
C THR C 193 -24.55 2.05 -1.33
N CYS C 194 -23.61 1.52 -2.10
CA CYS C 194 -22.46 0.82 -1.52
C CYS C 194 -21.14 1.53 -1.88
N GLU C 195 -20.28 1.69 -0.86
CA GLU C 195 -19.00 2.41 -1.00
C GLU C 195 -17.80 1.59 -0.51
N ALA C 196 -16.85 1.34 -1.41
CA ALA C 196 -15.67 0.55 -1.09
C ALA C 196 -14.40 1.41 -0.85
N THR C 197 -13.84 1.26 0.35
CA THR C 197 -12.57 1.88 0.66
C THR C 197 -11.49 0.84 0.39
N HIS C 198 -10.69 1.11 -0.63
CA HIS C 198 -9.54 0.27 -0.96
C HIS C 198 -8.29 1.13 -0.98
N LYS C 199 -7.16 0.54 -0.63
CA LYS C 199 -5.90 1.28 -0.55
C LYS C 199 -5.58 2.03 -1.84
N THR C 200 -6.12 1.56 -2.96
CA THR C 200 -5.81 2.13 -4.27
C THR C 200 -6.27 3.59 -4.46
N SER C 201 -7.15 4.09 -3.60
CA SER C 201 -7.53 5.51 -3.68
C SER C 201 -7.86 6.15 -2.33
N THR C 202 -7.62 7.46 -2.24
CA THR C 202 -7.95 8.23 -1.04
C THR C 202 -9.46 8.30 -0.90
N SER C 203 -10.16 8.47 -2.03
CA SER C 203 -11.62 8.54 -2.06
C SER C 203 -12.24 7.23 -2.62
N PRO C 204 -13.18 6.62 -1.84
CA PRO C 204 -13.77 5.29 -2.09
C PRO C 204 -14.66 5.21 -3.33
N ILE C 205 -14.73 4.03 -3.96
CA ILE C 205 -15.48 3.85 -5.20
C ILE C 205 -16.97 3.67 -4.88
N VAL C 206 -17.79 4.61 -5.36
CA VAL C 206 -19.21 4.68 -4.95
C VAL C 206 -20.17 4.17 -6.03
N LYS C 207 -21.11 3.31 -5.64
CA LYS C 207 -22.19 2.92 -6.55
C LYS C 207 -23.55 2.98 -5.85
N SER C 208 -24.56 3.41 -6.58
CA SER C 208 -25.83 3.77 -5.97
C SER C 208 -27.02 3.68 -6.96
N PHE C 209 -28.23 3.60 -6.42
CA PHE C 209 -29.42 3.64 -7.25
C PHE C 209 -30.66 4.12 -6.49
N ASN C 210 -31.72 4.47 -7.22
CA ASN C 210 -32.96 4.91 -6.62
C ASN C 210 -34.06 3.87 -6.81
N ARG C 211 -34.82 3.62 -5.73
CA ARG C 211 -35.82 2.57 -5.72
C ARG C 211 -36.69 2.65 -6.97
N ASN C 212 -37.11 3.86 -7.33
CA ASN C 212 -37.93 4.03 -8.52
C ASN C 212 -37.08 4.37 -9.74
N GLU C 213 -37.07 3.44 -10.70
CA GLU C 213 -36.31 3.62 -11.94
C GLU C 213 -36.73 2.59 -12.98
N VAL D 2 0.95 -47.38 2.89
CA VAL D 2 0.15 -46.91 4.01
C VAL D 2 -0.99 -46.10 3.43
N GLN D 3 -2.20 -46.41 3.83
CA GLN D 3 -3.31 -45.54 3.49
C GLN D 3 -4.30 -45.58 4.64
N LEU D 4 -4.92 -44.44 4.92
CA LEU D 4 -5.96 -44.34 5.93
C LEU D 4 -7.18 -43.77 5.24
N GLN D 5 -8.29 -44.49 5.29
CA GLN D 5 -9.52 -44.05 4.61
C GLN D 5 -10.55 -43.70 5.66
N GLN D 6 -11.13 -42.51 5.55
CA GLN D 6 -12.03 -42.02 6.57
C GLN D 6 -13.50 -42.03 6.15
N SER D 7 -14.38 -42.15 7.13
CA SER D 7 -15.82 -42.23 6.90
C SER D 7 -16.36 -40.91 6.33
N GLY D 8 -17.54 -40.99 5.74
CA GLY D 8 -18.11 -39.86 5.01
C GLY D 8 -18.58 -38.73 5.91
N THR D 9 -19.02 -37.65 5.26
CA THR D 9 -19.54 -36.46 5.94
C THR D 9 -20.66 -36.82 6.95
N GLU D 10 -20.65 -36.12 8.10
CA GLU D 10 -21.65 -36.34 9.16
C GLU D 10 -22.49 -35.08 9.35
N LEU D 11 -23.78 -35.21 9.07
CA LEU D 11 -24.71 -34.11 9.29
C LEU D 11 -25.48 -34.46 10.56
N LYS D 12 -25.30 -33.68 11.62
CA LYS D 12 -25.81 -34.06 12.94
C LYS D 12 -26.57 -32.93 13.58
N LYS D 13 -27.63 -33.28 14.31
CA LYS D 13 -28.38 -32.30 15.10
C LYS D 13 -27.61 -32.07 16.39
N PRO D 14 -27.65 -30.84 16.95
CA PRO D 14 -26.93 -30.56 18.19
C PRO D 14 -27.43 -31.43 19.35
N GLY D 15 -26.59 -31.67 20.36
CA GLY D 15 -26.92 -32.57 21.43
C GLY D 15 -26.76 -34.04 21.03
N ALA D 16 -26.53 -34.29 19.75
CA ALA D 16 -26.39 -35.65 19.24
C ALA D 16 -25.02 -36.22 19.52
N SER D 17 -24.83 -37.47 19.14
CA SER D 17 -23.56 -38.15 19.26
C SER D 17 -23.13 -38.50 17.85
N VAL D 18 -21.84 -38.74 17.65
CA VAL D 18 -21.34 -39.13 16.33
C VAL D 18 -20.08 -39.98 16.49
N LYS D 19 -19.88 -40.91 15.54
CA LYS D 19 -18.75 -41.85 15.59
C LYS D 19 -18.08 -41.92 14.21
N ILE D 20 -16.81 -41.52 14.15
CA ILE D 20 -16.08 -41.44 12.88
C ILE D 20 -15.17 -42.65 12.84
N SER D 21 -14.87 -43.12 11.62
CA SER D 21 -13.97 -44.25 11.45
C SER D 21 -12.78 -43.88 10.57
N CYS D 22 -11.66 -44.56 10.85
CA CYS D 22 -10.43 -44.48 10.08
C CYS D 22 -9.99 -45.93 9.79
N LYS D 23 -10.09 -46.34 8.53
CA LYS D 23 -9.68 -47.69 8.14
C LYS D 23 -8.25 -47.59 7.69
N ALA D 24 -7.37 -48.23 8.45
CA ALA D 24 -5.93 -48.12 8.28
C ALA D 24 -5.39 -49.35 7.58
N THR D 25 -4.93 -49.17 6.34
CA THR D 25 -4.33 -50.24 5.56
C THR D 25 -2.85 -49.95 5.29
N GLY D 26 -2.08 -51.01 5.07
CA GLY D 26 -0.73 -50.87 4.55
C GLY D 26 0.46 -51.05 5.51
N TYR D 27 0.19 -51.46 6.74
CA TYR D 27 1.25 -51.63 7.72
C TYR D 27 0.70 -52.54 8.81
N THR D 28 1.44 -52.76 9.89
CA THR D 28 0.97 -53.64 10.95
C THR D 28 0.13 -52.78 11.87
N PHE D 29 -1.18 -52.94 11.80
CA PHE D 29 -2.13 -52.00 12.39
C PHE D 29 -2.00 -51.84 13.92
N SER D 30 -1.73 -52.93 14.63
CA SER D 30 -1.64 -52.90 16.08
C SER D 30 -0.40 -52.16 16.61
N SER D 31 0.62 -51.99 15.76
CA SER D 31 1.95 -51.51 16.20
C SER D 31 2.09 -49.99 16.26
N TYR D 32 1.16 -49.25 15.67
CA TYR D 32 1.29 -47.80 15.57
C TYR D 32 0.12 -47.09 16.24
N TRP D 33 0.44 -45.99 16.92
CA TRP D 33 -0.59 -45.08 17.41
C TRP D 33 -1.33 -44.42 16.23
N ILE D 34 -2.63 -44.22 16.40
CA ILE D 34 -3.43 -43.44 15.47
C ILE D 34 -3.89 -42.15 16.16
N GLU D 35 -3.70 -41.03 15.46
CA GLU D 35 -3.92 -39.69 15.97
C GLU D 35 -5.19 -39.09 15.44
N TRP D 36 -5.86 -38.28 16.27
CA TRP D 36 -7.03 -37.56 15.81
C TRP D 36 -6.82 -36.04 15.92
N ILE D 37 -7.10 -35.34 14.82
CA ILE D 37 -6.87 -33.90 14.71
C ILE D 37 -8.14 -33.17 14.28
N LYS D 38 -8.39 -32.01 14.88
CA LYS D 38 -9.56 -31.22 14.58
C LYS D 38 -9.22 -29.90 13.88
N GLN D 39 -9.70 -29.73 12.64
CA GLN D 39 -9.50 -28.47 11.96
C GLN D 39 -10.82 -27.78 11.66
N ARG D 40 -11.03 -26.64 12.32
CA ARG D 40 -12.16 -25.78 12.00
C ARG D 40 -11.63 -24.41 11.61
N PRO D 41 -12.27 -23.78 10.60
CA PRO D 41 -11.79 -22.47 10.13
C PRO D 41 -11.75 -21.43 11.26
N GLY D 42 -10.65 -20.69 11.32
CA GLY D 42 -10.44 -19.68 12.33
C GLY D 42 -9.78 -20.23 13.59
N HIS D 43 -9.95 -21.53 13.85
CA HIS D 43 -9.24 -22.19 14.94
C HIS D 43 -8.05 -23.12 14.60
N GLY D 44 -7.70 -23.24 13.32
CA GLY D 44 -6.49 -23.94 12.91
C GLY D 44 -6.55 -25.44 13.11
N LEU D 45 -5.40 -26.07 13.36
CA LEU D 45 -5.33 -27.50 13.72
C LEU D 45 -5.19 -27.75 15.24
N GLU D 46 -5.99 -28.69 15.74
CA GLU D 46 -6.05 -29.02 17.16
C GLU D 46 -5.86 -30.54 17.36
N TRP D 47 -4.89 -30.94 18.20
CA TRP D 47 -4.73 -32.36 18.58
C TRP D 47 -5.80 -32.82 19.59
N ILE D 48 -6.60 -33.83 19.21
CA ILE D 48 -7.62 -34.39 20.09
C ILE D 48 -7.09 -35.49 21.03
N GLY D 49 -6.21 -36.32 20.49
CA GLY D 49 -5.65 -37.42 21.26
C GLY D 49 -5.26 -38.55 20.34
N GLU D 50 -4.75 -39.62 20.94
CA GLU D 50 -4.29 -40.77 20.17
C GLU D 50 -4.78 -42.07 20.81
N ILE D 51 -4.86 -43.12 20.00
CA ILE D 51 -5.16 -44.45 20.53
C ILE D 51 -4.16 -45.46 19.96
N LEU D 52 -3.81 -46.43 20.77
CA LEU D 52 -2.92 -47.50 20.34
C LEU D 52 -3.75 -48.78 20.12
N PRO D 53 -3.86 -49.24 18.86
CA PRO D 53 -4.79 -50.33 18.49
C PRO D 53 -4.52 -51.65 19.19
N GLU D 54 -3.26 -51.93 19.51
CA GLU D 54 -2.86 -53.21 20.05
C GLU D 54 -3.58 -53.64 21.33
N ILE D 55 -3.45 -52.85 22.40
CA ILE D 55 -4.21 -53.08 23.63
C ILE D 55 -5.43 -52.15 23.83
N GLY D 56 -5.66 -51.20 22.93
CA GLY D 56 -6.76 -50.24 23.03
C GLY D 56 -6.43 -49.00 23.87
N MET D 57 -5.15 -48.71 24.01
CA MET D 57 -4.70 -47.72 24.97
C MET D 57 -4.84 -46.32 24.40
N THR D 58 -5.36 -45.41 25.22
CA THR D 58 -5.63 -44.05 24.74
C THR D 58 -4.90 -42.96 25.52
N ASN D 59 -4.61 -41.89 24.79
CA ASN D 59 -4.04 -40.68 25.37
C ASN D 59 -4.86 -39.49 24.87
N TYR D 60 -5.64 -38.89 25.76
CA TYR D 60 -6.47 -37.77 25.34
C TYR D 60 -5.84 -36.46 25.73
N ASN D 61 -5.95 -35.50 24.82
CA ASN D 61 -5.85 -34.10 25.16
C ASN D 61 -6.87 -33.86 26.26
N GLU D 62 -6.43 -33.33 27.41
CA GLU D 62 -7.31 -33.13 28.56
C GLU D 62 -8.53 -32.32 28.16
N ASN D 63 -8.30 -31.38 27.24
CA ASN D 63 -9.34 -30.52 26.67
C ASN D 63 -10.50 -31.33 26.04
N PHE D 64 -10.19 -32.48 25.46
CA PHE D 64 -11.22 -33.33 24.85
C PHE D 64 -11.68 -34.52 25.72
N LYS D 65 -11.14 -34.66 26.92
CA LYS D 65 -11.55 -35.78 27.78
C LYS D 65 -13.07 -35.68 28.01
N GLY D 66 -13.77 -36.77 27.68
CA GLY D 66 -15.21 -36.86 27.81
C GLY D 66 -15.99 -36.42 26.57
N LYS D 67 -15.40 -35.53 25.76
CA LYS D 67 -16.01 -35.17 24.48
C LYS D 67 -15.70 -36.28 23.47
N ALA D 68 -14.43 -36.66 23.38
CA ALA D 68 -13.99 -37.67 22.40
C ALA D 68 -13.69 -39.02 23.07
N THR D 69 -14.18 -40.10 22.45
CA THR D 69 -13.86 -41.45 22.88
C THR D 69 -13.23 -42.22 21.73
N PHE D 70 -12.08 -42.82 21.95
CA PHE D 70 -11.40 -43.53 20.88
C PHE D 70 -11.66 -45.01 21.04
N THR D 71 -11.97 -45.67 19.93
CA THR D 71 -12.23 -47.09 19.95
C THR D 71 -11.44 -47.71 18.79
N ALA D 72 -11.09 -48.99 18.86
CA ALA D 72 -10.34 -49.63 17.76
C ALA D 72 -10.70 -51.10 17.63
N ASN D 73 -10.79 -51.56 16.39
CA ASN D 73 -11.11 -52.96 16.07
C ASN D 73 -9.95 -53.54 15.25
N THR D 74 -9.19 -54.45 15.89
CA THR D 74 -7.96 -55.01 15.31
C THR D 74 -8.25 -55.90 14.12
N SER D 75 -9.41 -56.56 14.17
CA SER D 75 -9.79 -57.53 13.15
C SER D 75 -10.27 -56.84 11.88
N SER D 76 -10.82 -55.63 12.01
CA SER D 76 -11.17 -54.84 10.82
C SER D 76 -10.08 -53.83 10.46
N ASN D 77 -9.03 -53.76 11.27
CA ASN D 77 -8.01 -52.74 11.11
C ASN D 77 -8.63 -51.35 11.02
N THR D 78 -9.52 -51.06 11.97
CA THR D 78 -10.27 -49.80 11.92
C THR D 78 -10.32 -49.06 13.26
N VAL D 79 -10.24 -47.74 13.20
CA VAL D 79 -10.24 -46.93 14.41
C VAL D 79 -11.45 -46.01 14.39
N TYR D 80 -12.09 -45.82 15.54
CA TYR D 80 -13.24 -44.94 15.61
C TYR D 80 -13.00 -43.87 16.63
N MET D 81 -13.65 -42.73 16.43
CA MET D 81 -13.74 -41.72 17.47
C MET D 81 -15.19 -41.35 17.67
N GLN D 82 -15.69 -41.48 18.89
CA GLN D 82 -17.00 -40.93 19.22
C GLN D 82 -16.92 -39.49 19.78
N LEU D 83 -17.66 -38.58 19.15
CA LEU D 83 -17.93 -37.25 19.70
C LEU D 83 -19.37 -37.20 20.23
N SER D 84 -19.51 -36.93 21.52
CA SER D 84 -20.81 -36.93 22.17
C SER D 84 -21.26 -35.49 22.42
N SER D 85 -22.50 -35.34 22.87
CA SER D 85 -23.05 -34.02 23.18
C SER D 85 -22.63 -33.02 22.11
N LEU D 86 -22.98 -33.34 20.86
CA LEU D 86 -22.56 -32.52 19.71
C LEU D 86 -23.16 -31.12 19.78
N THR D 87 -22.30 -30.12 19.62
CA THR D 87 -22.75 -28.73 19.57
C THR D 87 -22.21 -28.09 18.30
N SER D 88 -22.43 -26.79 18.13
CA SER D 88 -22.01 -26.11 16.91
C SER D 88 -20.48 -26.02 16.81
N GLU D 89 -19.81 -26.19 17.94
CA GLU D 89 -18.35 -26.08 18.00
C GLU D 89 -17.65 -27.38 17.63
N ASP D 90 -18.42 -28.43 17.44
CA ASP D 90 -17.89 -29.71 16.99
C ASP D 90 -17.88 -29.79 15.47
N SER D 91 -18.40 -28.73 14.83
CA SER D 91 -18.35 -28.61 13.37
C SER D 91 -16.91 -28.26 12.94
N ALA D 92 -16.32 -29.15 12.15
CA ALA D 92 -14.93 -29.07 11.74
C ALA D 92 -14.60 -30.29 10.91
N VAL D 93 -13.43 -30.26 10.25
CA VAL D 93 -12.93 -31.43 9.56
C VAL D 93 -12.12 -32.22 10.59
N TYR D 94 -12.27 -33.54 10.56
CA TYR D 94 -11.54 -34.42 11.46
C TYR D 94 -10.60 -35.31 10.67
N TYR D 95 -9.32 -35.28 11.05
CA TYR D 95 -8.29 -36.09 10.40
C TYR D 95 -7.80 -37.14 11.36
N CYS D 96 -7.59 -38.33 10.82
CA CYS D 96 -6.84 -39.35 11.52
C CYS D 96 -5.45 -39.30 10.88
N ALA D 97 -4.42 -39.59 11.68
CA ALA D 97 -3.08 -39.61 11.12
C ALA D 97 -2.21 -40.68 11.77
N ARG D 98 -1.30 -41.26 11.00
CA ARG D 98 -0.31 -42.16 11.56
C ARG D 98 1.05 -41.45 11.71
N PRO D 99 1.65 -41.53 12.91
CA PRO D 99 3.05 -41.12 13.05
C PRO D 99 3.97 -41.93 12.12
N TYR D 100 5.07 -41.33 11.68
CA TYR D 100 6.03 -42.04 10.87
C TYR D 100 6.53 -43.25 11.66
N ASP D 101 6.97 -42.99 12.89
CA ASP D 101 7.27 -44.08 13.79
C ASP D 101 6.46 -43.94 15.09
N TYR D 102 6.97 -43.15 16.04
CA TYR D 102 6.21 -42.81 17.26
C TYR D 102 5.82 -41.34 17.54
N SER D 103 6.28 -40.36 16.76
CA SER D 103 6.02 -38.95 17.14
C SER D 103 5.36 -38.01 16.11
N TRP D 104 6.15 -37.47 15.19
CA TRP D 104 5.61 -36.57 14.17
C TRP D 104 4.79 -37.37 13.16
N PHE D 105 3.79 -36.73 12.55
CA PHE D 105 2.79 -37.40 11.69
C PHE D 105 3.23 -37.54 10.24
N ALA D 106 3.43 -38.77 9.77
CA ALA D 106 3.68 -39.03 8.36
C ALA D 106 2.42 -39.18 7.49
N TYR D 107 1.42 -39.92 7.99
CA TYR D 107 0.27 -40.30 7.12
C TYR D 107 -1.08 -39.72 7.57
N TRP D 108 -1.80 -39.14 6.63
CA TRP D 108 -3.03 -38.42 6.96
C TRP D 108 -4.22 -39.00 6.24
N GLY D 109 -5.36 -39.01 6.93
CA GLY D 109 -6.62 -39.37 6.32
C GLY D 109 -7.10 -38.21 5.48
N GLN D 110 -8.08 -38.46 4.62
CA GLN D 110 -8.54 -37.46 3.66
C GLN D 110 -9.46 -36.43 4.32
N GLY D 111 -9.79 -36.67 5.59
CA GLY D 111 -10.67 -35.81 6.35
C GLY D 111 -12.10 -36.33 6.42
N THR D 112 -12.76 -36.08 7.54
CA THR D 112 -14.19 -36.33 7.66
C THR D 112 -14.88 -35.08 8.17
N LEU D 113 -15.90 -34.67 7.44
CA LEU D 113 -16.61 -33.43 7.74
C LEU D 113 -17.81 -33.70 8.66
N VAL D 114 -17.90 -32.93 9.74
CA VAL D 114 -19.04 -32.96 10.65
C VAL D 114 -19.68 -31.58 10.74
N THR D 115 -20.97 -31.51 10.46
CA THR D 115 -21.70 -30.26 10.62
C THR D 115 -22.81 -30.47 11.62
N VAL D 116 -22.89 -29.60 12.62
CA VAL D 116 -23.93 -29.69 13.65
C VAL D 116 -24.80 -28.42 13.61
N SER D 117 -26.06 -28.58 13.23
CA SER D 117 -27.02 -27.48 13.21
C SER D 117 -28.42 -28.05 13.29
N ALA D 118 -29.38 -27.21 13.66
CA ALA D 118 -30.76 -27.67 13.84
C ALA D 118 -31.50 -27.80 12.51
N ALA D 119 -31.18 -26.94 11.55
CA ALA D 119 -31.96 -26.81 10.33
C ALA D 119 -32.16 -28.15 9.62
N LYS D 120 -33.32 -28.31 8.97
CA LYS D 120 -33.52 -29.49 8.10
C LYS D 120 -33.22 -29.10 6.65
N THR D 121 -33.25 -30.10 5.78
CA THR D 121 -32.97 -29.92 4.36
C THR D 121 -33.93 -28.90 3.79
N THR D 122 -33.37 -27.90 3.10
CA THR D 122 -34.16 -26.83 2.51
C THR D 122 -33.63 -26.45 1.13
N ALA D 123 -34.51 -26.44 0.13
CA ALA D 123 -34.13 -26.09 -1.23
C ALA D 123 -33.95 -24.56 -1.38
N PRO D 124 -32.92 -24.13 -2.15
CA PRO D 124 -32.63 -22.70 -2.31
C PRO D 124 -33.67 -21.96 -3.16
N SER D 125 -33.85 -20.67 -2.90
CA SER D 125 -34.56 -19.80 -3.84
C SER D 125 -33.49 -19.09 -4.68
N VAL D 126 -33.72 -19.02 -5.98
CA VAL D 126 -32.71 -18.49 -6.89
C VAL D 126 -33.19 -17.17 -7.53
N TYR D 127 -32.38 -16.13 -7.37
CA TYR D 127 -32.72 -14.79 -7.84
C TYR D 127 -31.72 -14.31 -8.89
N PRO D 128 -32.20 -14.05 -10.13
CA PRO D 128 -31.35 -13.44 -11.17
C PRO D 128 -31.13 -11.95 -10.92
N LEU D 129 -29.89 -11.49 -11.10
CA LEU D 129 -29.58 -10.09 -10.84
C LEU D 129 -29.13 -9.41 -12.13
N ALA D 130 -30.03 -8.61 -12.69
CA ALA D 130 -29.73 -7.77 -13.85
C ALA D 130 -29.32 -6.38 -13.39
N PRO D 131 -28.58 -5.65 -14.23
CA PRO D 131 -28.07 -4.31 -13.93
C PRO D 131 -29.18 -3.27 -13.77
N VAL D 132 -28.94 -2.29 -12.90
CA VAL D 132 -29.88 -1.20 -12.65
C VAL D 132 -30.19 -0.45 -13.95
N CYS D 133 -31.47 -0.28 -14.25
CA CYS D 133 -31.89 0.33 -15.50
C CYS D 133 -31.52 1.82 -15.56
N SER D 139 -19.54 -0.16 -21.08
CA SER D 139 -18.23 -0.62 -21.57
C SER D 139 -18.15 -2.17 -21.60
N SER D 140 -18.59 -2.79 -20.52
CA SER D 140 -18.85 -4.23 -20.46
C SER D 140 -19.82 -4.43 -19.31
N VAL D 141 -20.55 -5.55 -19.32
CA VAL D 141 -21.66 -5.78 -18.38
C VAL D 141 -21.46 -6.95 -17.38
N THR D 142 -21.80 -6.68 -16.11
CA THR D 142 -21.74 -7.68 -15.03
C THR D 142 -23.16 -8.12 -14.64
N LEU D 143 -23.35 -9.42 -14.50
CA LEU D 143 -24.62 -9.95 -14.05
C LEU D 143 -24.41 -10.80 -12.81
N GLY D 144 -25.49 -11.10 -12.11
CA GLY D 144 -25.37 -11.91 -10.91
C GLY D 144 -26.48 -12.90 -10.61
N CYS D 145 -26.16 -13.80 -9.68
CA CYS D 145 -27.09 -14.83 -9.21
C CYS D 145 -27.01 -14.86 -7.68
N LEU D 146 -28.17 -14.75 -7.03
CA LEU D 146 -28.26 -14.94 -5.56
C LEU D 146 -28.99 -16.23 -5.22
N VAL D 147 -28.26 -17.17 -4.62
CA VAL D 147 -28.82 -18.42 -4.15
C VAL D 147 -29.08 -18.26 -2.66
N LYS D 148 -30.35 -18.19 -2.27
CA LYS D 148 -30.70 -17.75 -0.93
C LYS D 148 -31.42 -18.86 -0.18
N GLY D 149 -30.95 -19.15 1.03
CA GLY D 149 -31.60 -20.05 1.97
C GLY D 149 -31.64 -21.53 1.67
N TYR D 150 -30.49 -22.16 1.49
CA TYR D 150 -30.47 -23.62 1.34
C TYR D 150 -29.81 -24.30 2.54
N PHE D 151 -29.90 -25.63 2.56
CA PHE D 151 -29.26 -26.44 3.59
C PHE D 151 -29.47 -27.90 3.22
N PRO D 152 -28.43 -28.73 3.35
CA PRO D 152 -27.05 -28.33 3.72
C PRO D 152 -26.22 -27.81 2.53
N GLU D 153 -24.93 -27.62 2.75
CA GLU D 153 -23.99 -27.45 1.64
C GLU D 153 -23.74 -28.81 0.96
N PRO D 154 -23.24 -28.78 -0.29
CA PRO D 154 -23.05 -27.59 -1.10
C PRO D 154 -24.21 -27.32 -2.07
N VAL D 155 -24.09 -26.22 -2.77
CA VAL D 155 -24.76 -26.08 -4.04
C VAL D 155 -23.65 -25.97 -5.04
N THR D 156 -23.99 -26.34 -6.27
CA THR D 156 -23.10 -26.12 -7.39
C THR D 156 -23.79 -25.17 -8.38
N LEU D 157 -23.11 -24.07 -8.70
CA LEU D 157 -23.63 -23.06 -9.58
C LEU D 157 -22.78 -22.98 -10.82
N THR D 158 -23.41 -22.95 -11.99
CA THR D 158 -22.70 -22.80 -13.26
C THR D 158 -23.37 -21.72 -14.11
N TRP D 159 -22.72 -21.30 -15.19
CA TRP D 159 -23.28 -20.29 -16.08
C TRP D 159 -23.35 -20.88 -17.47
N ASN D 160 -24.53 -20.76 -18.08
CA ASN D 160 -24.77 -21.36 -19.40
C ASN D 160 -24.32 -22.83 -19.50
N SER D 161 -24.77 -23.64 -18.55
CA SER D 161 -24.57 -25.08 -18.65
C SER D 161 -23.08 -25.40 -18.50
N GLY D 162 -22.27 -24.37 -18.29
CA GLY D 162 -20.83 -24.49 -18.19
C GLY D 162 -20.15 -23.86 -19.40
N SER D 163 -20.94 -23.60 -20.44
CA SER D 163 -20.45 -22.90 -21.62
C SER D 163 -19.67 -21.67 -21.19
N LEU D 164 -20.21 -20.93 -20.23
CA LEU D 164 -19.56 -19.71 -19.79
C LEU D 164 -18.83 -20.00 -18.50
N SER D 165 -17.53 -20.25 -18.63
CA SER D 165 -16.64 -20.49 -17.50
C SER D 165 -15.74 -19.32 -17.15
N SER D 166 -15.74 -18.29 -17.99
CA SER D 166 -14.76 -17.21 -17.84
C SER D 166 -15.38 -15.95 -17.26
N GLY D 167 -14.58 -15.25 -16.47
CA GLY D 167 -15.02 -14.02 -15.84
C GLY D 167 -16.08 -14.31 -14.81
N VAL D 168 -16.07 -15.53 -14.25
CA VAL D 168 -17.03 -15.89 -13.22
C VAL D 168 -16.41 -15.79 -11.84
N HIS D 169 -17.15 -15.22 -10.91
CA HIS D 169 -16.75 -15.25 -9.50
C HIS D 169 -17.87 -15.74 -8.63
N THR D 170 -17.68 -16.94 -8.08
CA THR D 170 -18.65 -17.54 -7.17
C THR D 170 -18.11 -17.48 -5.76
N PHE D 171 -18.90 -16.84 -4.89
CA PHE D 171 -18.48 -16.57 -3.52
C PHE D 171 -18.89 -17.70 -2.58
N PRO D 172 -18.03 -17.98 -1.57
CA PRO D 172 -18.29 -19.04 -0.58
C PRO D 172 -19.55 -18.79 0.23
N ALA D 173 -20.26 -19.87 0.59
CA ALA D 173 -21.56 -19.75 1.24
C ALA D 173 -21.44 -18.98 2.54
N VAL D 174 -22.52 -18.28 2.89
CA VAL D 174 -22.57 -17.57 4.16
C VAL D 174 -23.85 -17.92 4.90
N LEU D 175 -23.73 -18.19 6.20
CA LEU D 175 -24.89 -18.57 7.00
C LEU D 175 -25.71 -17.35 7.40
N GLN D 176 -26.95 -17.30 6.94
CA GLN D 176 -27.88 -16.27 7.34
C GLN D 176 -29.04 -16.88 8.12
N SER D 177 -29.09 -16.65 9.43
CA SER D 177 -30.15 -17.22 10.25
C SER D 177 -30.24 -18.73 10.03
N ASP D 178 -29.13 -19.45 10.22
CA ASP D 178 -29.14 -20.91 10.24
C ASP D 178 -29.15 -21.56 8.84
N LEU D 179 -29.42 -20.77 7.81
CA LEU D 179 -29.43 -21.26 6.44
C LEU D 179 -28.33 -20.58 5.63
N TYR D 180 -27.91 -21.19 4.52
CA TYR D 180 -26.82 -20.66 3.70
C TYR D 180 -27.31 -19.77 2.54
N THR D 181 -26.54 -18.74 2.23
CA THR D 181 -26.75 -17.89 1.05
C THR D 181 -25.44 -17.77 0.28
N LEU D 182 -25.52 -17.92 -1.05
CA LEU D 182 -24.37 -17.92 -1.94
C LEU D 182 -24.63 -16.97 -3.10
N SER D 183 -23.56 -16.40 -3.66
CA SER D 183 -23.72 -15.50 -4.82
C SER D 183 -22.67 -15.75 -5.89
N SER D 184 -23.03 -15.39 -7.12
CA SER D 184 -22.11 -15.54 -8.24
C SER D 184 -22.25 -14.39 -9.23
N SER D 185 -21.12 -13.86 -9.69
CA SER D 185 -21.13 -12.83 -10.73
C SER D 185 -20.48 -13.37 -12.00
N VAL D 186 -20.92 -12.82 -13.13
CA VAL D 186 -20.32 -13.12 -14.42
C VAL D 186 -20.22 -11.83 -15.25
N THR D 187 -19.07 -11.66 -15.90
CA THR D 187 -18.80 -10.45 -16.67
C THR D 187 -18.59 -10.75 -18.15
N VAL D 188 -19.37 -10.05 -18.97
CA VAL D 188 -19.34 -10.20 -20.42
C VAL D 188 -19.17 -8.80 -21.01
N THR D 189 -18.65 -8.73 -22.24
CA THR D 189 -18.50 -7.45 -22.94
C THR D 189 -19.87 -6.85 -23.21
N SER D 190 -19.94 -5.51 -23.24
CA SER D 190 -21.23 -4.86 -23.40
C SER D 190 -21.97 -5.48 -24.57
N SER D 191 -21.25 -5.76 -25.65
CA SER D 191 -21.87 -6.19 -26.90
C SER D 191 -22.52 -7.59 -26.87
N THR D 192 -22.10 -8.48 -25.96
CA THR D 192 -22.66 -9.84 -25.99
C THR D 192 -23.90 -10.09 -25.09
N TRP D 193 -24.27 -9.14 -24.25
CA TRP D 193 -25.52 -9.24 -23.49
C TRP D 193 -26.25 -7.89 -23.59
N PRO D 194 -27.61 -7.91 -23.62
CA PRO D 194 -28.59 -9.02 -23.60
C PRO D 194 -28.68 -9.89 -24.86
N SER D 195 -28.06 -9.47 -25.97
CA SER D 195 -28.26 -10.11 -27.28
C SER D 195 -28.19 -11.66 -27.25
N GLN D 196 -27.27 -12.18 -26.44
CA GLN D 196 -27.15 -13.63 -26.26
C GLN D 196 -27.58 -14.03 -24.86
N SER D 197 -28.40 -15.09 -24.77
CA SER D 197 -29.04 -15.45 -23.51
C SER D 197 -28.03 -15.96 -22.47
N ILE D 198 -28.15 -15.46 -21.24
CA ILE D 198 -27.27 -15.88 -20.15
C ILE D 198 -28.12 -16.41 -19.00
N THR D 199 -27.82 -17.64 -18.62
CA THR D 199 -28.56 -18.34 -17.60
C THR D 199 -27.62 -18.84 -16.51
N CYS D 200 -28.08 -18.69 -15.26
CA CYS D 200 -27.45 -19.28 -14.10
C CYS D 200 -28.04 -20.69 -13.90
N ASN D 201 -27.20 -21.73 -13.80
CA ASN D 201 -27.68 -23.08 -13.47
C ASN D 201 -27.33 -23.48 -12.03
N VAL D 202 -28.33 -23.81 -11.22
CA VAL D 202 -28.09 -24.17 -9.81
C VAL D 202 -28.52 -25.61 -9.48
N ALA D 203 -27.62 -26.37 -8.84
CA ALA D 203 -27.94 -27.74 -8.40
C ALA D 203 -27.67 -27.93 -6.89
N HIS D 204 -28.55 -28.70 -6.26
CA HIS D 204 -28.53 -28.94 -4.82
C HIS D 204 -28.90 -30.41 -4.53
N PRO D 205 -27.90 -31.31 -4.51
CA PRO D 205 -28.23 -32.74 -4.43
C PRO D 205 -29.18 -33.11 -3.28
N ALA D 206 -28.98 -32.51 -2.10
CA ALA D 206 -29.71 -32.86 -0.87
C ALA D 206 -31.24 -32.70 -0.92
N SER D 207 -31.72 -31.63 -1.54
CA SER D 207 -33.15 -31.45 -1.79
C SER D 207 -33.50 -31.94 -3.20
N SER D 208 -32.49 -32.46 -3.88
CA SER D 208 -32.57 -32.82 -5.31
C SER D 208 -33.09 -31.66 -6.19
N THR D 209 -32.45 -30.50 -6.09
CA THR D 209 -32.87 -29.33 -6.86
C THR D 209 -31.98 -29.05 -8.08
N LYS D 210 -32.64 -28.77 -9.20
CA LYS D 210 -31.97 -28.23 -10.38
C LYS D 210 -32.84 -27.08 -10.93
N VAL D 211 -32.33 -25.85 -10.84
CA VAL D 211 -33.05 -24.68 -11.36
C VAL D 211 -32.16 -23.95 -12.36
N ASP D 212 -32.78 -23.21 -13.29
CA ASP D 212 -32.03 -22.39 -14.27
C ASP D 212 -32.67 -21.01 -14.34
N LYS D 213 -31.87 -19.98 -14.09
CA LYS D 213 -32.37 -18.60 -14.09
C LYS D 213 -31.77 -17.80 -15.23
N LYS D 214 -32.57 -17.50 -16.26
CA LYS D 214 -32.10 -16.67 -17.38
C LYS D 214 -32.15 -15.20 -16.97
N ILE D 215 -31.02 -14.51 -17.09
CA ILE D 215 -30.97 -13.10 -16.72
C ILE D 215 -31.62 -12.27 -17.82
N GLU D 216 -32.64 -11.51 -17.45
CA GLU D 216 -33.30 -10.58 -18.38
C GLU D 216 -33.11 -9.14 -17.88
N PRO D 217 -33.03 -8.19 -18.81
CA PRO D 217 -32.92 -6.78 -18.39
C PRO D 217 -34.16 -6.28 -17.61
N ARG D 218 -33.91 -5.41 -16.64
CA ARG D 218 -34.99 -4.80 -15.86
C ARG D 218 -35.80 -3.82 -16.71
#